data_3Q73
#
_entry.id   3Q73
#
_cell.length_a   144.041
_cell.length_b   144.041
_cell.length_c   130.444
_cell.angle_alpha   90.00
_cell.angle_beta   90.00
_cell.angle_gamma   90.00
#
_symmetry.space_group_name_H-M   'P 43 21 2'
#
loop_
_entity.id
_entity.type
_entity.pdbx_description
1 polymer 'Farnesyltransferase, alpha subunit'
2 polymer 'Farnesyltransferase, beta subunit'
3 branched beta-D-fructofuranose-(2-1)-alpha-D-glucopyranose
4 non-polymer 'ZINC ION'
5 non-polymer '(2S)-3-(cyclohexylamino)-2-hydroxypropane-1-sulfonic acid'
6 water water
#
loop_
_entity_poly.entity_id
_entity_poly.type
_entity_poly.pdbx_seq_one_letter_code
_entity_poly.pdbx_strand_id
1 'polypeptide(L)'
;MGSSHHHHHHSQDLMVTSTYIPMSQRRSWADVKPIMQDDGPNPVVPIMYSEEYKDAMDYFRAIAAKEEKSERALELTEII
VRMNPAHYTVWQYRFSLLTSLNKSLEDELRLMNEFAVQNLKSYQVWHHRLLLLDRISPQDPVSEIEYIHGSLLPDPKNYH
TWAYLHWLYSHFSTLGRISEAQWGSELDWCNEMLRVDGRNNSAWGWRWYLRVSRPGAETSSRSLQDELIYILKSIHLIPH
NVSAWNYLRGFLKHFSLPLVPILPAILPYTASKLNPDIETVEAFGFPMPSDPLPEDTPLPVPLALEYLADSFIEQNRVDD
AAKVFEKLSSEYDQMRAGYWEFRRRECAE
;
A
2 'polypeptide(L)'
;MATEFTPSVYSLVSKPLPSNSRPSATLDEQAETEDLISQLFDLTADPNALVSEHGKRYSGLRKQEHTQFLASSFFQLPGK
FVSLDASRPWLVFWTVHSLDLLGVALDQGTKDRVVSTLLHFLSPKGGFGGGPANSQIPHLLPTYASVCSLAIAGNDSSTG
GWKDLAAARQSIYEFFMRCKRPDGGFVVCEGGEVDVRGTYCLLVVATLLDIITPELLHNVDKFVSACQTYEGGFACASFP
FPSVVPSTSAFPTSEPSCRVSMAEAHGGYTSCSLNSHFLLTSVPLPSFPLSIDANAALRWTVLQQGEPIEGGGFRGRTNK
LVDGCYSWWVGGGAPVAEELVRREKSRKVKKSRIEVFEEEKEGDWEDVPPIPPIFNRVALQEFTLVAAQQDPGSTGGLRD
KPGKRPDQYHTCNNLSGLSIAQHKMSHSPSTVSSNRLKFDASKGLPAVKPVAPGGGWKNEDERQNARREIWANALGWIEE
EGGEIIVGGKDNRINTTTPVFNILGLRLKPFINYFYCQEN
;
B
#
loop_
_chem_comp.id
_chem_comp.type
_chem_comp.name
_chem_comp.formula
3CX non-polymer '(2S)-3-(cyclohexylamino)-2-hydroxypropane-1-sulfonic acid' 'C9 H19 N O4 S'
FRU D-saccharide, beta linking beta-D-fructofuranose 'C6 H12 O6'
GLC D-saccharide, alpha linking alpha-D-glucopyranose 'C6 H12 O6'
ZN non-polymer 'ZINC ION' 'Zn 2'
#
# COMPACT_ATOMS: atom_id res chain seq x y z
N THR A 19 -7.67 13.67 -40.57
CA THR A 19 -8.80 12.70 -40.46
C THR A 19 -8.27 11.29 -40.21
N TYR A 20 -8.83 10.63 -39.20
CA TYR A 20 -8.47 9.25 -38.87
C TYR A 20 -9.07 8.27 -39.87
N ILE A 21 -8.23 7.39 -40.40
CA ILE A 21 -8.67 6.32 -41.29
C ILE A 21 -8.98 5.08 -40.47
N PRO A 22 -10.27 4.65 -40.45
CA PRO A 22 -10.66 3.44 -39.73
C PRO A 22 -9.93 2.21 -40.27
N MET A 23 -9.68 1.25 -39.39
CA MET A 23 -8.95 0.04 -39.77
C MET A 23 -9.77 -0.89 -40.64
N SER A 24 -11.10 -0.71 -40.64
CA SER A 24 -12.01 -1.48 -41.48
C SER A 24 -11.93 -1.08 -42.96
N GLN A 25 -11.21 0.00 -43.22
CA GLN A 25 -11.01 0.51 -44.58
C GLN A 25 -9.60 0.22 -45.10
N ARG A 26 -8.68 -0.09 -44.20
CA ARG A 26 -7.29 -0.37 -44.55
C ARG A 26 -7.11 -1.77 -45.10
N ARG A 27 -6.44 -1.86 -46.25
CA ARG A 27 -6.22 -3.13 -46.95
C ARG A 27 -5.31 -4.10 -46.17
N SER A 28 -4.46 -3.55 -45.32
CA SER A 28 -3.61 -4.35 -44.42
C SER A 28 -4.41 -5.17 -43.41
N TRP A 29 -5.64 -4.73 -43.14
CA TRP A 29 -6.47 -5.33 -42.10
C TRP A 29 -7.78 -5.93 -42.62
N ALA A 30 -7.94 -5.91 -43.95
CA ALA A 30 -9.15 -6.39 -44.62
C ALA A 30 -9.60 -7.79 -44.20
N ASP A 31 -8.63 -8.66 -43.94
CA ASP A 31 -8.89 -10.06 -43.57
C ASP A 31 -9.36 -10.24 -42.12
N VAL A 32 -9.12 -9.23 -41.28
CA VAL A 32 -9.46 -9.32 -39.86
C VAL A 32 -10.86 -8.77 -39.57
N LYS A 33 -11.66 -9.57 -38.86
CA LYS A 33 -12.97 -9.15 -38.41
C LYS A 33 -12.88 -8.65 -36.96
N PRO A 34 -13.15 -7.34 -36.74
CA PRO A 34 -13.06 -6.77 -35.40
C PRO A 34 -14.06 -7.39 -34.42
N ILE A 35 -13.67 -7.42 -33.15
CA ILE A 35 -14.53 -7.93 -32.07
C ILE A 35 -14.83 -6.81 -31.08
N MET A 36 -16.13 -6.59 -30.83
CA MET A 36 -16.61 -5.54 -29.93
C MET A 36 -16.34 -5.91 -28.47
N GLN A 37 -16.23 -4.90 -27.63
CA GLN A 37 -16.08 -5.10 -26.18
C GLN A 37 -17.35 -5.74 -25.62
N ASP A 38 -17.17 -6.80 -24.84
CA ASP A 38 -18.29 -7.54 -24.28
C ASP A 38 -18.66 -7.03 -22.89
N ASP A 39 -19.26 -5.83 -22.84
CA ASP A 39 -19.57 -5.16 -21.57
C ASP A 39 -20.81 -5.74 -20.88
N GLY A 40 -21.65 -6.43 -21.66
CA GLY A 40 -22.97 -6.81 -21.18
C GLY A 40 -23.91 -5.61 -21.25
N PRO A 41 -25.15 -5.78 -20.77
CA PRO A 41 -26.11 -4.66 -20.86
C PRO A 41 -25.87 -3.57 -19.82
N ASN A 42 -26.03 -2.32 -20.24
CA ASN A 42 -26.01 -1.15 -19.36
C ASN A 42 -24.93 -1.19 -18.28
N PRO A 43 -23.65 -1.24 -18.68
CA PRO A 43 -22.59 -1.35 -17.68
C PRO A 43 -22.42 -0.08 -16.87
N VAL A 44 -21.91 -0.21 -15.65
CA VAL A 44 -21.54 0.96 -14.86
C VAL A 44 -20.12 1.37 -15.22
N VAL A 45 -19.72 2.57 -14.77
CA VAL A 45 -18.43 3.21 -15.10
C VAL A 45 -17.90 3.01 -16.54
N PRO A 46 -18.77 3.21 -17.57
CA PRO A 46 -18.24 3.04 -18.90
C PRO A 46 -17.41 4.26 -19.33
N ILE A 47 -16.32 4.02 -20.04
CA ILE A 47 -15.51 5.11 -20.57
C ILE A 47 -15.94 5.42 -22.01
N MET A 48 -16.09 6.71 -22.30
CA MET A 48 -16.44 7.16 -23.64
C MET A 48 -15.23 7.10 -24.57
N TYR A 49 -14.79 5.88 -24.87
CA TYR A 49 -13.59 5.66 -25.69
C TYR A 49 -13.57 6.51 -26.94
N SER A 50 -12.41 7.09 -27.24
CA SER A 50 -12.21 7.81 -28.50
C SER A 50 -12.37 6.85 -29.67
N GLU A 51 -12.70 7.39 -30.84
CA GLU A 51 -12.79 6.62 -32.06
C GLU A 51 -11.54 5.78 -32.25
N GLU A 52 -10.37 6.40 -32.07
CA GLU A 52 -9.08 5.76 -32.28
C GLU A 52 -8.86 4.56 -31.35
N TYR A 53 -9.11 4.77 -30.06
CA TYR A 53 -8.88 3.74 -29.04
C TYR A 53 -9.82 2.54 -29.18
N LYS A 54 -11.11 2.83 -29.40
CA LYS A 54 -12.11 1.78 -29.59
C LYS A 54 -11.77 0.93 -30.80
N ASP A 55 -11.45 1.57 -31.92
CA ASP A 55 -11.06 0.90 -33.15
C ASP A 55 -9.85 0.00 -32.93
N ALA A 56 -8.83 0.53 -32.27
CA ALA A 56 -7.60 -0.22 -32.01
C ALA A 56 -7.86 -1.43 -31.12
N MET A 57 -8.67 -1.24 -30.07
CA MET A 57 -9.04 -2.32 -29.16
C MET A 57 -9.91 -3.38 -29.84
N ASP A 58 -10.81 -2.93 -30.71
CA ASP A 58 -11.66 -3.85 -31.48
C ASP A 58 -10.81 -4.82 -32.31
N TYR A 59 -9.72 -4.30 -32.87
CA TYR A 59 -8.82 -5.12 -33.67
C TYR A 59 -7.84 -5.92 -32.81
N PHE A 60 -7.45 -5.36 -31.66
CA PHE A 60 -6.63 -6.12 -30.71
C PHE A 60 -7.38 -7.33 -30.16
N ARG A 61 -8.67 -7.16 -29.86
CA ARG A 61 -9.51 -8.25 -29.39
C ARG A 61 -9.51 -9.41 -30.39
N ALA A 62 -9.59 -9.07 -31.67
CA ALA A 62 -9.58 -10.05 -32.75
C ALA A 62 -8.19 -10.70 -32.90
N ILE A 63 -7.14 -9.88 -32.87
CA ILE A 63 -5.76 -10.35 -32.97
C ILE A 63 -5.41 -11.30 -31.83
N ALA A 64 -5.79 -10.92 -30.61
CA ALA A 64 -5.43 -11.68 -29.42
C ALA A 64 -6.24 -12.97 -29.32
N ALA A 65 -7.51 -12.91 -29.73
CA ALA A 65 -8.37 -14.09 -29.73
C ALA A 65 -7.80 -15.18 -30.64
N LYS A 66 -7.40 -14.80 -31.86
CA LYS A 66 -6.79 -15.74 -32.80
C LYS A 66 -5.31 -16.01 -32.51
N GLU A 67 -4.76 -15.27 -31.54
CA GLU A 67 -3.36 -15.41 -31.11
C GLU A 67 -2.33 -15.21 -32.22
N GLU A 68 -2.59 -14.22 -33.08
CA GLU A 68 -1.73 -13.89 -34.20
C GLU A 68 -0.43 -13.26 -33.74
N LYS A 69 0.69 -13.83 -34.18
CA LYS A 69 2.02 -13.28 -33.88
C LYS A 69 2.64 -12.70 -35.15
N SER A 70 2.54 -11.38 -35.30
CA SER A 70 2.92 -10.72 -36.55
C SER A 70 3.42 -9.30 -36.32
N GLU A 71 4.01 -8.73 -37.36
CA GLU A 71 4.48 -7.35 -37.34
C GLU A 71 3.34 -6.34 -37.18
N ARG A 72 2.19 -6.60 -37.80
CA ARG A 72 1.04 -5.71 -37.69
C ARG A 72 0.45 -5.77 -36.27
N ALA A 73 0.52 -6.95 -35.66
CA ALA A 73 0.09 -7.13 -34.28
C ALA A 73 0.99 -6.34 -33.35
N LEU A 74 2.30 -6.39 -33.59
CA LEU A 74 3.28 -5.63 -32.83
C LEU A 74 3.02 -4.13 -32.96
N GLU A 75 2.85 -3.69 -34.21
CA GLU A 75 2.51 -2.31 -34.53
C GLU A 75 1.27 -1.84 -33.75
N LEU A 76 0.28 -2.71 -33.65
CA LEU A 76 -1.00 -2.38 -33.01
C LEU A 76 -0.85 -2.20 -31.50
N THR A 77 -0.06 -3.05 -30.86
CA THR A 77 0.18 -2.96 -29.42
C THR A 77 0.88 -1.65 -29.04
N GLU A 78 1.80 -1.19 -29.88
CA GLU A 78 2.45 0.10 -29.64
C GLU A 78 1.43 1.24 -29.71
N ILE A 79 0.57 1.20 -30.73
CA ILE A 79 -0.51 2.17 -30.90
C ILE A 79 -1.39 2.26 -29.65
N ILE A 80 -1.75 1.10 -29.09
CA ILE A 80 -2.62 1.04 -27.91
C ILE A 80 -1.94 1.52 -26.62
N VAL A 81 -0.70 1.10 -26.38
CA VAL A 81 0.01 1.50 -25.15
C VAL A 81 0.40 2.98 -25.15
N ARG A 82 0.51 3.57 -26.33
CA ARG A 82 0.76 5.00 -26.46
C ARG A 82 -0.46 5.81 -26.01
N MET A 83 -1.65 5.26 -26.23
CA MET A 83 -2.88 5.88 -25.79
C MET A 83 -3.15 5.57 -24.32
N ASN A 84 -2.81 4.34 -23.92
CA ASN A 84 -3.00 3.90 -22.53
C ASN A 84 -1.78 3.10 -22.04
N PRO A 85 -0.80 3.79 -21.42
CA PRO A 85 0.41 3.12 -20.94
C PRO A 85 0.15 2.12 -19.82
N ALA A 86 -1.03 2.18 -19.21
CA ALA A 86 -1.35 1.32 -18.07
C ALA A 86 -2.11 0.04 -18.44
N HIS A 87 -2.23 -0.23 -19.74
CA HIS A 87 -2.97 -1.42 -20.21
C HIS A 87 -2.12 -2.69 -20.10
N TYR A 88 -2.21 -3.37 -18.96
CA TYR A 88 -1.32 -4.51 -18.65
C TYR A 88 -1.47 -5.69 -19.62
N THR A 89 -2.70 -5.91 -20.11
CA THR A 89 -2.99 -6.99 -21.05
C THR A 89 -2.23 -6.82 -22.35
N VAL A 90 -2.21 -5.59 -22.86
CA VAL A 90 -1.57 -5.27 -24.13
C VAL A 90 -0.04 -5.35 -24.01
N TRP A 91 0.49 -5.02 -22.84
CA TRP A 91 1.93 -5.16 -22.59
C TRP A 91 2.35 -6.64 -22.56
N GLN A 92 1.54 -7.48 -21.90
CA GLN A 92 1.76 -8.92 -21.88
C GLN A 92 1.84 -9.46 -23.30
N TYR A 93 0.90 -9.04 -24.14
CA TYR A 93 0.86 -9.48 -25.53
C TYR A 93 2.07 -8.97 -26.32
N ARG A 94 2.45 -7.72 -26.07
CA ARG A 94 3.60 -7.13 -26.74
C ARG A 94 4.86 -7.95 -26.49
N PHE A 95 5.07 -8.35 -25.23
CA PHE A 95 6.28 -9.09 -24.88
C PHE A 95 6.29 -10.47 -25.55
N SER A 96 5.12 -11.12 -25.60
CA SER A 96 4.93 -12.35 -26.36
C SER A 96 5.27 -12.17 -27.84
N LEU A 97 4.83 -11.06 -28.41
CA LEU A 97 5.13 -10.72 -29.79
C LEU A 97 6.64 -10.55 -30.01
N LEU A 98 7.31 -9.88 -29.06
CA LEU A 98 8.75 -9.66 -29.15
C LEU A 98 9.54 -10.96 -29.14
N THR A 99 9.14 -11.90 -28.28
CA THR A 99 9.82 -13.19 -28.16
C THR A 99 9.51 -14.12 -29.34
N SER A 100 8.25 -14.15 -29.78
CA SER A 100 7.85 -14.98 -30.94
C SER A 100 8.53 -14.54 -32.23
N LEU A 101 8.48 -13.24 -32.50
CA LEU A 101 9.03 -12.68 -33.73
C LEU A 101 10.54 -12.54 -33.68
N ASN A 102 11.12 -12.85 -32.51
CA ASN A 102 12.57 -12.77 -32.30
C ASN A 102 13.08 -11.36 -32.60
N LYS A 103 12.37 -10.35 -32.09
CA LYS A 103 12.71 -8.96 -32.32
C LYS A 103 13.93 -8.54 -31.52
N SER A 104 14.59 -7.48 -31.97
CA SER A 104 15.70 -6.90 -31.22
C SER A 104 15.21 -6.31 -29.91
N LEU A 105 15.65 -6.89 -28.80
CA LEU A 105 15.26 -6.42 -27.48
C LEU A 105 16.01 -5.13 -27.12
N GLU A 106 17.18 -4.92 -27.74
CA GLU A 106 17.92 -3.67 -27.61
C GLU A 106 17.15 -2.52 -28.22
N ASP A 107 16.54 -2.74 -29.38
CA ASP A 107 15.72 -1.73 -30.05
C ASP A 107 14.52 -1.37 -29.18
N GLU A 108 13.88 -2.39 -28.62
CA GLU A 108 12.74 -2.20 -27.73
C GLU A 108 13.11 -1.35 -26.51
N LEU A 109 14.30 -1.59 -25.95
CA LEU A 109 14.81 -0.78 -24.86
C LEU A 109 14.93 0.69 -25.25
N ARG A 110 15.50 0.95 -26.42
CA ARG A 110 15.61 2.32 -26.93
C ARG A 110 14.23 2.95 -27.13
N LEU A 111 13.26 2.14 -27.53
CA LEU A 111 11.88 2.60 -27.66
C LEU A 111 11.28 2.96 -26.30
N MET A 112 11.62 2.18 -25.27
CA MET A 112 11.24 2.52 -23.89
C MET A 112 11.88 3.82 -23.42
N ASN A 113 13.11 4.08 -23.84
CA ASN A 113 13.76 5.36 -23.60
C ASN A 113 12.98 6.51 -24.25
N GLU A 114 12.56 6.32 -25.50
CA GLU A 114 11.73 7.28 -26.22
C GLU A 114 10.39 7.52 -25.52
N PHE A 115 9.84 6.47 -24.92
CA PHE A 115 8.59 6.56 -24.14
C PHE A 115 8.71 7.53 -22.97
N ALA A 116 9.80 7.41 -22.20
CA ALA A 116 10.06 8.32 -21.08
C ALA A 116 10.25 9.77 -21.52
N VAL A 117 10.98 9.97 -22.62
CA VAL A 117 11.20 11.31 -23.18
C VAL A 117 9.87 11.94 -23.61
N GLN A 118 9.00 11.12 -24.19
CA GLN A 118 7.67 11.56 -24.63
C GLN A 118 6.65 11.55 -23.48
N ASN A 119 7.15 11.37 -22.25
CA ASN A 119 6.34 11.40 -21.03
C ASN A 119 5.25 10.32 -20.97
N LEU A 120 5.43 9.26 -21.76
CA LEU A 120 4.57 8.09 -21.69
C LEU A 120 5.12 7.16 -20.62
N LYS A 121 4.75 7.46 -19.39
CA LYS A 121 5.29 6.75 -18.24
C LYS A 121 4.18 6.10 -17.44
N SER A 122 4.49 4.90 -16.93
CA SER A 122 3.60 4.13 -16.09
C SER A 122 4.42 2.97 -15.53
N TYR A 123 3.88 2.28 -14.55
CA TYR A 123 4.58 1.15 -13.96
C TYR A 123 4.89 0.08 -14.99
N GLN A 124 3.94 -0.17 -15.89
CA GLN A 124 4.05 -1.23 -16.90
C GLN A 124 5.29 -1.06 -17.78
N VAL A 125 5.62 0.18 -18.11
CA VAL A 125 6.87 0.53 -18.79
C VAL A 125 8.08 -0.01 -18.01
N TRP A 126 8.11 0.22 -16.69
CA TRP A 126 9.23 -0.21 -15.84
C TRP A 126 9.30 -1.73 -15.71
N HIS A 127 8.14 -2.38 -15.63
CA HIS A 127 8.10 -3.84 -15.58
C HIS A 127 8.59 -4.42 -16.90
N HIS A 128 8.19 -3.80 -18.01
CA HIS A 128 8.65 -4.16 -19.34
C HIS A 128 10.17 -4.10 -19.41
N ARG A 129 10.75 -3.04 -18.85
CA ARG A 129 12.20 -2.88 -18.83
C ARG A 129 12.89 -4.03 -18.11
N LEU A 130 12.31 -4.44 -16.97
CA LEU A 130 12.84 -5.57 -16.19
C LEU A 130 12.85 -6.84 -17.02
N LEU A 131 11.72 -7.16 -17.65
CA LEU A 131 11.60 -8.35 -18.48
C LEU A 131 12.59 -8.35 -19.64
N LEU A 132 12.80 -7.18 -20.24
CA LEU A 132 13.76 -7.00 -21.32
C LEU A 132 15.19 -7.27 -20.86
N LEU A 133 15.56 -6.71 -19.70
CA LEU A 133 16.91 -6.86 -19.18
C LEU A 133 17.21 -8.24 -18.68
N ASP A 134 16.19 -8.87 -18.10
CA ASP A 134 16.26 -10.26 -17.69
C ASP A 134 16.51 -11.16 -18.89
N ARG A 135 15.83 -10.89 -20.00
CA ARG A 135 15.98 -11.71 -21.21
C ARG A 135 17.27 -11.42 -21.99
N ILE A 136 17.57 -10.13 -22.23
CA ILE A 136 18.86 -9.77 -22.85
C ILE A 136 19.99 -10.36 -22.02
N SER A 137 19.90 -10.17 -20.71
CA SER A 137 20.89 -10.68 -19.76
C SER A 137 22.31 -10.28 -20.19
N PRO A 138 22.58 -8.95 -20.26
CA PRO A 138 23.91 -8.50 -20.69
C PRO A 138 24.99 -8.86 -19.67
N GLN A 139 26.22 -9.04 -20.15
CA GLN A 139 27.37 -9.36 -19.28
C GLN A 139 27.63 -8.25 -18.27
N ASP A 140 27.41 -7.01 -18.68
CA ASP A 140 27.61 -5.82 -17.85
C ASP A 140 26.36 -4.95 -17.96
N PRO A 141 25.61 -4.78 -16.85
CA PRO A 141 24.40 -3.98 -16.89
C PRO A 141 24.63 -2.47 -16.66
N VAL A 142 25.88 -2.02 -16.76
CA VAL A 142 26.25 -0.64 -16.45
C VAL A 142 25.42 0.42 -17.20
N SER A 143 25.12 0.17 -18.47
CA SER A 143 24.38 1.15 -19.26
C SER A 143 22.96 1.33 -18.72
N GLU A 144 22.35 0.25 -18.25
CA GLU A 144 21.05 0.34 -17.60
C GLU A 144 21.12 0.99 -16.22
N ILE A 145 22.16 0.68 -15.45
CA ILE A 145 22.42 1.37 -14.18
C ILE A 145 22.51 2.88 -14.42
N GLU A 146 23.23 3.27 -15.48
CA GLU A 146 23.35 4.67 -15.84
C GLU A 146 21.99 5.28 -16.20
N TYR A 147 21.21 4.56 -17.00
CA TYR A 147 19.87 5.03 -17.36
C TYR A 147 19.02 5.29 -16.12
N ILE A 148 19.07 4.39 -15.16
CA ILE A 148 18.29 4.53 -13.92
C ILE A 148 18.76 5.77 -13.12
N HIS A 149 20.07 5.95 -13.01
CA HIS A 149 20.60 7.13 -12.32
C HIS A 149 20.10 8.44 -12.95
N GLY A 150 20.20 8.52 -14.28
CA GLY A 150 19.71 9.69 -15.02
C GLY A 150 18.22 9.88 -14.84
N SER A 151 17.48 8.79 -14.81
CA SER A 151 16.05 8.80 -14.57
C SER A 151 15.69 9.23 -13.15
N LEU A 152 16.59 8.99 -12.18
CA LEU A 152 16.33 9.36 -10.79
C LEU A 152 16.67 10.82 -10.43
N LEU A 153 17.57 11.44 -11.21
CA LEU A 153 18.00 12.83 -10.95
C LEU A 153 16.87 13.88 -10.88
N PRO A 154 16.04 13.99 -11.94
CA PRO A 154 14.92 14.95 -11.84
C PRO A 154 13.69 14.45 -11.06
N ASP A 155 13.70 13.19 -10.63
CA ASP A 155 12.56 12.56 -9.96
C ASP A 155 13.10 11.62 -8.87
N PRO A 156 13.71 12.21 -7.81
CA PRO A 156 14.58 11.49 -6.89
C PRO A 156 13.90 10.54 -5.90
N LYS A 157 12.57 10.49 -5.91
CA LYS A 157 11.83 9.68 -4.95
C LYS A 157 10.86 8.71 -5.63
N ASN A 158 11.05 8.49 -6.93
CA ASN A 158 10.20 7.57 -7.68
C ASN A 158 10.34 6.15 -7.13
N TYR A 159 9.32 5.73 -6.37
CA TYR A 159 9.39 4.52 -5.58
C TYR A 159 9.76 3.28 -6.41
N HIS A 160 9.15 3.15 -7.58
CA HIS A 160 9.37 1.94 -8.38
C HIS A 160 10.64 1.99 -9.21
N THR A 161 11.16 3.19 -9.44
CA THR A 161 12.47 3.31 -10.06
C THR A 161 13.53 2.82 -9.08
N TRP A 162 13.37 3.22 -7.81
CA TRP A 162 14.22 2.70 -6.73
C TRP A 162 14.08 1.18 -6.57
N ALA A 163 12.86 0.67 -6.62
CA ALA A 163 12.62 -0.79 -6.59
C ALA A 163 13.33 -1.51 -7.73
N TYR A 164 13.24 -0.93 -8.92
CA TYR A 164 13.88 -1.48 -10.11
C TYR A 164 15.41 -1.55 -9.93
N LEU A 165 15.99 -0.46 -9.41
CA LEU A 165 17.43 -0.40 -9.12
C LEU A 165 17.87 -1.51 -8.16
N HIS A 166 17.05 -1.77 -7.14
CA HIS A 166 17.30 -2.86 -6.21
C HIS A 166 17.28 -4.21 -6.93
N TRP A 167 16.25 -4.43 -7.76
CA TRP A 167 16.14 -5.69 -8.51
C TRP A 167 17.35 -5.90 -9.42
N LEU A 168 17.76 -4.83 -10.11
CA LEU A 168 18.81 -4.93 -11.12
C LEU A 168 20.15 -5.34 -10.52
N TYR A 169 20.57 -4.62 -9.49
CA TYR A 169 21.80 -4.98 -8.77
C TYR A 169 21.70 -6.36 -8.13
N SER A 170 20.50 -6.71 -7.64
CA SER A 170 20.28 -7.98 -6.97
C SER A 170 20.34 -9.14 -7.94
N HIS A 171 19.58 -9.03 -9.03
CA HIS A 171 19.55 -10.06 -10.06
C HIS A 171 20.93 -10.27 -10.68
N PHE A 172 21.54 -9.18 -11.15
CA PHE A 172 22.83 -9.30 -11.82
C PHE A 172 23.98 -9.71 -10.92
N SER A 173 23.82 -9.45 -9.61
CA SER A 173 24.83 -9.86 -8.63
C SER A 173 24.83 -11.37 -8.43
N THR A 174 23.65 -12.00 -8.48
CA THR A 174 23.56 -13.48 -8.36
C THR A 174 24.23 -14.16 -9.54
N LEU A 175 24.32 -13.45 -10.67
CA LEU A 175 25.05 -13.95 -11.83
C LEU A 175 26.54 -13.63 -11.72
N GLY A 176 26.94 -12.96 -10.65
CA GLY A 176 28.34 -12.60 -10.41
C GLY A 176 28.85 -11.53 -11.35
N ARG A 177 27.94 -10.71 -11.87
CA ARG A 177 28.26 -9.71 -12.89
C ARG A 177 28.47 -8.30 -12.37
N ILE A 178 28.44 -8.12 -11.04
CA ILE A 178 28.72 -6.82 -10.44
C ILE A 178 30.09 -6.84 -9.77
N SER A 179 31.03 -6.08 -10.33
CA SER A 179 32.38 -6.00 -9.79
C SER A 179 32.45 -5.10 -8.55
N GLU A 180 33.54 -5.21 -7.81
CA GLU A 180 33.77 -4.38 -6.61
C GLU A 180 33.84 -2.90 -6.97
N ALA A 181 34.49 -2.60 -8.09
CA ALA A 181 34.54 -1.23 -8.62
C ALA A 181 33.14 -0.68 -8.92
N GLN A 182 32.27 -1.54 -9.44
CA GLN A 182 30.89 -1.17 -9.71
C GLN A 182 30.13 -0.87 -8.41
N TRP A 183 30.30 -1.74 -7.41
CA TRP A 183 29.72 -1.51 -6.09
C TRP A 183 30.21 -0.19 -5.48
N GLY A 184 31.51 0.08 -5.62
CA GLY A 184 32.15 1.29 -5.11
C GLY A 184 31.58 2.57 -5.70
N SER A 185 31.41 2.59 -7.01
CA SER A 185 30.87 3.77 -7.69
C SER A 185 29.37 3.94 -7.40
N GLU A 186 28.71 2.83 -7.06
CA GLU A 186 27.32 2.89 -6.64
C GLU A 186 27.17 3.58 -5.29
N LEU A 187 28.06 3.25 -4.35
CA LEU A 187 28.10 3.92 -3.06
C LEU A 187 28.50 5.40 -3.22
N ASP A 188 29.44 5.67 -4.12
CA ASP A 188 29.80 7.05 -4.49
C ASP A 188 28.56 7.82 -4.95
N TRP A 189 27.79 7.21 -5.84
CA TRP A 189 26.60 7.85 -6.39
C TRP A 189 25.54 8.05 -5.31
N CYS A 190 25.41 7.09 -4.41
CA CYS A 190 24.44 7.16 -3.33
C CYS A 190 24.78 8.30 -2.37
N ASN A 191 26.05 8.42 -2.01
CA ASN A 191 26.53 9.50 -1.15
C ASN A 191 26.27 10.89 -1.73
N GLU A 192 26.35 11.01 -3.05
CA GLU A 192 26.06 12.27 -3.74
C GLU A 192 24.58 12.61 -3.69
N MET A 193 23.72 11.60 -3.89
CA MET A 193 22.27 11.76 -3.71
C MET A 193 21.94 12.23 -2.30
N LEU A 194 22.58 11.63 -1.30
CA LEU A 194 22.41 12.06 0.09
C LEU A 194 23.05 13.42 0.40
N ARG A 195 24.08 13.80 -0.35
CA ARG A 195 24.66 15.14 -0.21
C ARG A 195 23.69 16.19 -0.76
N VAL A 196 23.09 15.88 -1.91
CA VAL A 196 22.14 16.78 -2.58
C VAL A 196 20.86 16.98 -1.78
N ASP A 197 20.38 15.91 -1.14
CA ASP A 197 19.19 15.99 -0.29
C ASP A 197 19.26 14.96 0.84
N GLY A 198 19.76 15.40 1.99
CA GLY A 198 19.87 14.55 3.18
C GLY A 198 18.54 14.00 3.66
N ARG A 199 17.44 14.59 3.17
CA ARG A 199 16.09 14.17 3.52
C ARG A 199 15.47 13.23 2.48
N ASN A 200 16.28 12.75 1.54
CA ASN A 200 15.81 11.77 0.56
C ASN A 200 15.82 10.37 1.16
N ASN A 201 14.69 9.97 1.71
CA ASN A 201 14.57 8.67 2.39
C ASN A 201 14.82 7.49 1.46
N SER A 202 14.56 7.67 0.17
CA SER A 202 14.81 6.65 -0.85
C SER A 202 16.29 6.35 -0.99
N ALA A 203 17.11 7.41 -0.89
CA ALA A 203 18.57 7.29 -0.94
C ALA A 203 19.12 6.65 0.34
N TRP A 204 18.51 6.96 1.48
CA TRP A 204 18.86 6.29 2.74
C TRP A 204 18.59 4.78 2.64
N GLY A 205 17.49 4.42 1.99
CA GLY A 205 17.13 3.01 1.77
C GLY A 205 18.11 2.29 0.88
N TRP A 206 18.52 2.96 -0.19
CA TRP A 206 19.55 2.43 -1.10
C TRP A 206 20.87 2.24 -0.37
N ARG A 207 21.20 3.19 0.52
CA ARG A 207 22.40 3.09 1.32
C ARG A 207 22.36 1.84 2.19
N TRP A 208 21.23 1.60 2.83
CA TRP A 208 21.03 0.42 3.67
C TRP A 208 21.25 -0.88 2.88
N TYR A 209 20.77 -0.92 1.64
CA TYR A 209 21.03 -2.07 0.77
C TYR A 209 22.53 -2.21 0.50
N LEU A 210 23.14 -1.11 0.10
CA LEU A 210 24.56 -1.09 -0.27
C LEU A 210 25.49 -1.42 0.91
N ARG A 211 25.11 -0.99 2.11
CA ARG A 211 26.00 -1.08 3.29
C ARG A 211 25.64 -2.16 4.30
N VAL A 212 24.38 -2.57 4.37
CA VAL A 212 23.93 -3.50 5.40
C VAL A 212 23.31 -4.79 4.84
N SER A 213 22.31 -4.66 3.97
CA SER A 213 21.46 -5.79 3.61
C SER A 213 21.91 -6.68 2.44
N ARG A 214 22.61 -6.11 1.45
CA ARG A 214 23.08 -6.93 0.33
C ARG A 214 24.05 -8.02 0.78
N PRO A 215 24.00 -9.21 0.13
CA PRO A 215 24.87 -10.34 0.51
C PRO A 215 26.36 -9.99 0.63
N GLY A 216 26.87 -9.16 -0.30
CA GLY A 216 28.30 -8.84 -0.33
C GLY A 216 28.71 -7.61 0.46
N ALA A 217 27.82 -7.08 1.30
CA ALA A 217 28.09 -5.88 2.09
C ALA A 217 29.23 -6.13 3.07
N GLU A 218 30.17 -5.18 3.12
CA GLU A 218 31.30 -5.28 4.05
C GLU A 218 30.79 -4.99 5.46
N THR A 219 30.78 -6.01 6.31
CA THR A 219 30.30 -5.85 7.68
C THR A 219 31.30 -6.32 8.74
N SER A 220 32.57 -5.97 8.54
CA SER A 220 33.60 -6.17 9.56
C SER A 220 33.40 -5.18 10.73
N SER A 221 34.17 -5.32 11.80
CA SER A 221 34.02 -4.48 12.99
C SER A 221 34.34 -3.00 12.75
N ARG A 222 35.39 -2.73 11.97
CA ARG A 222 35.77 -1.35 11.59
C ARG A 222 34.82 -0.75 10.55
N SER A 223 34.16 -1.63 9.80
CA SER A 223 33.17 -1.22 8.81
C SER A 223 31.94 -0.62 9.50
N LEU A 224 31.52 -1.26 10.60
CA LEU A 224 30.42 -0.76 11.41
C LEU A 224 30.75 0.58 12.06
N GLN A 225 31.99 0.71 12.54
CA GLN A 225 32.50 1.96 13.10
C GLN A 225 32.37 3.13 12.13
N ASP A 226 32.82 2.92 10.89
CA ASP A 226 32.73 3.92 9.83
C ASP A 226 31.30 4.31 9.53
N GLU A 227 30.41 3.32 9.59
CA GLU A 227 28.99 3.54 9.32
C GLU A 227 28.36 4.43 10.39
N LEU A 228 28.66 4.14 11.66
CA LEU A 228 28.22 4.97 12.76
C LEU A 228 28.65 6.42 12.59
N ILE A 229 29.91 6.62 12.16
CA ILE A 229 30.46 7.95 11.93
C ILE A 229 29.64 8.67 10.86
N TYR A 230 29.37 7.99 9.75
CA TYR A 230 28.54 8.58 8.69
C TYR A 230 27.15 8.97 9.18
N ILE A 231 26.49 8.05 9.90
CA ILE A 231 25.14 8.28 10.43
C ILE A 231 25.11 9.49 11.38
N LEU A 232 26.01 9.50 12.36
CA LEU A 232 26.09 10.60 13.34
C LEU A 232 26.42 11.94 12.71
N LYS A 233 27.30 11.95 11.70
CA LYS A 233 27.63 13.17 10.94
C LYS A 233 26.38 13.72 10.23
N SER A 234 25.55 12.81 9.73
CA SER A 234 24.28 13.18 9.10
C SER A 234 23.30 13.77 10.11
N ILE A 235 23.23 13.16 11.30
CA ILE A 235 22.38 13.69 12.37
C ILE A 235 22.83 15.08 12.79
N HIS A 236 24.14 15.27 12.97
CA HIS A 236 24.67 16.58 13.37
C HIS A 236 24.45 17.66 12.31
N LEU A 237 24.45 17.24 11.04
CA LEU A 237 24.15 18.14 9.94
C LEU A 237 22.68 18.54 9.94
N ILE A 238 21.79 17.54 10.06
CA ILE A 238 20.34 17.80 10.06
C ILE A 238 19.68 17.06 11.25
N PRO A 239 19.72 17.67 12.45
CA PRO A 239 19.22 17.03 13.69
C PRO A 239 17.74 16.61 13.68
N HIS A 240 16.92 17.27 12.88
CA HIS A 240 15.50 16.95 12.80
C HIS A 240 15.16 16.02 11.63
N ASN A 241 16.20 15.43 11.03
CA ASN A 241 16.01 14.48 9.93
C ASN A 241 15.56 13.11 10.42
N VAL A 242 14.26 12.84 10.28
CA VAL A 242 13.66 11.57 10.70
C VAL A 242 14.33 10.36 10.00
N SER A 243 14.69 10.53 8.72
CA SER A 243 15.41 9.51 7.97
C SER A 243 16.68 9.08 8.70
N ALA A 244 17.47 10.07 9.13
CA ALA A 244 18.72 9.81 9.81
C ALA A 244 18.53 9.05 11.12
N TRP A 245 17.56 9.49 11.93
CA TRP A 245 17.25 8.80 13.19
C TRP A 245 16.78 7.36 12.96
N ASN A 246 15.88 7.16 12.01
CA ASN A 246 15.40 5.82 11.67
C ASN A 246 16.53 4.88 11.24
N TYR A 247 17.46 5.40 10.44
CA TYR A 247 18.61 4.64 9.99
C TYR A 247 19.49 4.24 11.17
N LEU A 248 19.75 5.20 12.06
CA LEU A 248 20.51 4.94 13.28
C LEU A 248 19.87 3.84 14.11
N ARG A 249 18.59 3.98 14.39
CA ARG A 249 17.87 3.01 15.21
C ARG A 249 17.84 1.62 14.56
N GLY A 250 17.62 1.60 13.25
CA GLY A 250 17.61 0.36 12.47
C GLY A 250 18.97 -0.32 12.44
N PHE A 251 20.03 0.48 12.34
CA PHE A 251 21.40 0.01 12.33
C PHE A 251 21.81 -0.65 13.65
N LEU A 252 21.55 0.05 14.76
CA LEU A 252 21.92 -0.45 16.07
C LEU A 252 21.14 -1.73 16.41
N LYS A 253 19.87 -1.75 16.03
CA LYS A 253 19.01 -2.90 16.26
C LYS A 253 19.49 -4.14 15.49
N HIS A 254 19.75 -3.95 14.20
CA HIS A 254 20.15 -5.03 13.29
C HIS A 254 21.45 -5.72 13.73
N PHE A 255 22.42 -4.93 14.18
CA PHE A 255 23.70 -5.45 14.62
C PHE A 255 23.79 -5.64 16.14
N SER A 256 22.62 -5.57 16.80
CA SER A 256 22.52 -5.70 18.26
C SER A 256 23.59 -4.89 19.02
N LEU A 257 23.70 -3.60 18.69
CA LEU A 257 24.68 -2.72 19.32
C LEU A 257 24.03 -1.88 20.42
N PRO A 258 24.68 -1.82 21.60
CA PRO A 258 24.21 -1.01 22.73
C PRO A 258 24.08 0.47 22.37
N LEU A 259 23.07 1.13 22.94
CA LEU A 259 22.81 2.55 22.68
C LEU A 259 23.64 3.46 23.59
N VAL A 260 23.89 3.00 24.82
CA VAL A 260 24.63 3.76 25.84
C VAL A 260 25.96 4.34 25.34
N PRO A 261 26.81 3.52 24.67
CA PRO A 261 28.09 4.06 24.21
C PRO A 261 27.97 5.24 23.24
N ILE A 262 26.87 5.29 22.48
CA ILE A 262 26.63 6.38 21.52
C ILE A 262 25.91 7.57 22.19
N LEU A 263 25.34 7.33 23.38
CA LEU A 263 24.50 8.33 24.07
C LEU A 263 25.05 9.77 24.16
N PRO A 264 26.37 9.94 24.41
CA PRO A 264 26.91 11.30 24.51
C PRO A 264 26.74 12.15 23.24
N ALA A 265 26.65 11.50 22.08
CA ALA A 265 26.47 12.20 20.81
C ALA A 265 25.03 12.69 20.63
N ILE A 266 24.10 12.04 21.32
CA ILE A 266 22.67 12.30 21.18
C ILE A 266 22.11 13.22 22.28
N LEU A 267 22.65 13.09 23.49
CA LEU A 267 22.19 13.82 24.67
C LEU A 267 21.93 15.33 24.48
N PRO A 268 22.82 16.06 23.77
CA PRO A 268 22.56 17.50 23.60
C PRO A 268 21.23 17.82 22.91
N TYR A 269 20.68 16.86 22.17
CA TYR A 269 19.40 17.04 21.48
C TYR A 269 18.20 16.69 22.37
N THR A 270 18.45 16.39 23.65
CA THR A 270 17.38 16.05 24.59
C THR A 270 17.09 17.16 25.61
N ALA A 271 18.06 18.03 25.86
CA ALA A 271 17.91 19.12 26.83
C ALA A 271 17.03 20.24 26.28
N PHE A 286 33.46 9.35 18.85
CA PHE A 286 32.39 9.51 17.87
C PHE A 286 32.07 10.99 17.63
N PRO A 287 31.65 11.34 16.40
CA PRO A 287 31.31 12.72 16.07
C PRO A 287 30.30 13.34 17.03
N MET A 288 30.58 14.56 17.48
CA MET A 288 29.72 15.27 18.42
C MET A 288 28.96 16.40 17.72
N PRO A 289 27.86 16.89 18.32
CA PRO A 289 27.13 18.01 17.73
C PRO A 289 28.00 19.26 17.63
N SER A 290 27.78 20.07 16.60
CA SER A 290 28.49 21.34 16.45
C SER A 290 28.13 22.29 17.58
N ASP A 291 29.13 22.96 18.14
CA ASP A 291 28.91 23.96 19.19
C ASP A 291 29.31 25.34 18.68
N PRO A 292 28.34 26.26 18.54
CA PRO A 292 26.93 26.07 18.88
C PRO A 292 26.15 25.26 17.84
N LEU A 293 25.01 24.72 18.26
CA LEU A 293 24.10 24.00 17.38
C LEU A 293 23.71 24.83 16.16
N PRO A 294 23.40 24.17 15.03
CA PRO A 294 22.96 24.89 13.83
C PRO A 294 21.73 25.74 14.12
N GLU A 295 21.63 26.89 13.45
CA GLU A 295 20.49 27.79 13.60
C GLU A 295 19.19 27.07 13.21
N ASP A 296 18.10 27.39 13.91
CA ASP A 296 16.79 26.76 13.68
C ASP A 296 16.84 25.27 14.04
N THR A 297 17.17 24.99 15.29
CA THR A 297 17.19 23.62 15.81
C THR A 297 16.57 23.62 17.22
N PRO A 298 15.25 23.81 17.30
CA PRO A 298 14.59 23.83 18.60
C PRO A 298 14.72 22.50 19.35
N LEU A 299 14.91 22.57 20.66
CA LEU A 299 15.08 21.37 21.47
C LEU A 299 13.88 21.15 22.40
N PRO A 300 13.57 19.89 22.72
CA PRO A 300 14.28 18.68 22.29
C PRO A 300 13.77 18.12 20.97
N VAL A 301 14.61 17.32 20.32
CA VAL A 301 14.22 16.56 19.13
C VAL A 301 13.51 15.29 19.62
N PRO A 302 12.23 15.10 19.22
CA PRO A 302 11.43 13.97 19.70
C PRO A 302 12.10 12.60 19.61
N LEU A 303 12.77 12.32 18.50
CA LEU A 303 13.41 11.01 18.31
C LEU A 303 14.70 10.87 19.09
N ALA A 304 15.29 12.01 19.46
CA ALA A 304 16.41 12.04 20.39
C ALA A 304 15.94 11.63 21.80
N LEU A 305 14.73 12.04 22.16
CA LEU A 305 14.15 11.65 23.44
C LEU A 305 13.78 10.17 23.47
N GLU A 306 13.32 9.65 22.34
CA GLU A 306 13.07 8.21 22.18
C GLU A 306 14.35 7.41 22.41
N TYR A 307 15.45 7.92 21.86
CA TYR A 307 16.77 7.30 22.04
C TYR A 307 17.14 7.23 23.52
N LEU A 308 16.99 8.36 24.21
CA LEU A 308 17.28 8.45 25.64
C LEU A 308 16.42 7.49 26.45
N ALA A 309 15.12 7.45 26.12
CA ALA A 309 14.18 6.54 26.76
C ALA A 309 14.59 5.08 26.61
N ASP A 310 14.94 4.69 25.38
CA ASP A 310 15.33 3.32 25.07
C ASP A 310 16.68 2.94 25.67
N SER A 311 17.56 3.92 25.83
CA SER A 311 18.85 3.71 26.48
C SER A 311 18.68 3.50 27.99
N PHE A 312 17.65 4.12 28.57
CA PHE A 312 17.29 3.88 29.96
C PHE A 312 16.76 2.46 30.17
N ILE A 313 15.96 1.98 29.21
CA ILE A 313 15.43 0.60 29.22
C ILE A 313 16.56 -0.41 29.10
N GLU A 314 17.58 -0.07 28.30
CA GLU A 314 18.77 -0.89 28.15
C GLU A 314 19.50 -1.04 29.50
N GLN A 315 19.51 0.04 30.28
CA GLN A 315 20.14 0.06 31.61
C GLN A 315 19.20 -0.42 32.72
N ASN A 316 18.03 -0.94 32.33
CA ASN A 316 16.99 -1.39 33.27
C ASN A 316 16.44 -0.29 34.19
N ARG A 317 16.63 0.96 33.78
CA ARG A 317 16.13 2.12 34.51
C ARG A 317 14.73 2.49 34.04
N VAL A 318 13.77 1.61 34.33
CA VAL A 318 12.40 1.72 33.82
C VAL A 318 11.66 2.99 34.25
N ASP A 319 11.92 3.45 35.47
CA ASP A 319 11.31 4.67 35.99
C ASP A 319 11.72 5.90 35.18
N ASP A 320 13.04 6.05 35.00
CA ASP A 320 13.61 7.17 34.24
C ASP A 320 13.15 7.13 32.79
N ALA A 321 12.96 5.93 32.26
CA ALA A 321 12.42 5.72 30.91
C ALA A 321 10.95 6.15 30.81
N ALA A 322 10.15 5.74 31.80
CA ALA A 322 8.74 6.12 31.86
C ALA A 322 8.58 7.65 31.90
N LYS A 323 9.51 8.32 32.59
CA LYS A 323 9.49 9.77 32.76
C LYS A 323 9.66 10.54 31.46
N VAL A 324 10.57 10.09 30.59
CA VAL A 324 10.77 10.73 29.28
C VAL A 324 9.65 10.39 28.30
N PHE A 325 9.12 9.17 28.40
CA PHE A 325 7.94 8.79 27.61
C PHE A 325 6.74 9.66 27.95
N GLU A 326 6.54 9.90 29.25
CA GLU A 326 5.49 10.78 29.73
C GLU A 326 5.68 12.20 29.20
N LYS A 327 6.92 12.67 29.20
CA LYS A 327 7.27 13.99 28.68
C LYS A 327 6.96 14.11 27.18
N LEU A 328 7.29 13.07 26.41
CA LEU A 328 6.95 13.02 24.99
C LEU A 328 5.44 13.10 24.79
N SER A 329 4.69 12.38 25.63
CA SER A 329 3.25 12.31 25.54
C SER A 329 2.56 13.65 25.83
N SER A 330 2.94 14.27 26.94
CA SER A 330 2.25 15.48 27.41
C SER A 330 2.86 16.81 26.95
N GLU A 331 4.13 16.78 26.54
CA GLU A 331 4.83 18.04 26.22
C GLU A 331 5.50 18.11 24.86
N TYR A 332 6.36 17.15 24.55
CA TYR A 332 7.32 17.31 23.45
C TYR A 332 6.96 16.64 22.12
N ASP A 333 5.91 15.83 22.10
CA ASP A 333 5.42 15.19 20.88
C ASP A 333 3.94 14.78 21.06
N GLN A 334 3.10 15.77 21.30
CA GLN A 334 1.72 15.55 21.74
C GLN A 334 0.81 14.90 20.71
N MET A 335 1.17 15.01 19.44
CA MET A 335 0.44 14.35 18.36
C MET A 335 0.38 12.85 18.61
N ARG A 336 1.46 12.30 19.17
CA ARG A 336 1.53 10.89 19.53
C ARG A 336 1.35 10.68 21.04
N ALA A 337 0.49 11.49 21.67
CA ALA A 337 0.22 11.39 23.11
C ALA A 337 -0.14 9.96 23.54
N GLY A 338 -1.06 9.34 22.81
CA GLY A 338 -1.51 7.98 23.10
C GLY A 338 -0.44 6.90 23.00
N TYR A 339 0.40 7.00 21.96
CA TYR A 339 1.47 6.04 21.74
C TYR A 339 2.56 6.12 22.82
N TRP A 340 3.03 7.32 23.12
CA TRP A 340 4.06 7.50 24.14
C TRP A 340 3.55 7.12 25.53
N GLU A 341 2.25 7.31 25.77
CA GLU A 341 1.60 6.85 27.01
C GLU A 341 1.62 5.32 27.09
N PHE A 342 1.32 4.67 25.97
CA PHE A 342 1.41 3.22 25.84
C PHE A 342 2.82 2.70 26.18
N ARG A 343 3.83 3.36 25.62
CA ARG A 343 5.23 3.00 25.90
C ARG A 343 5.60 3.24 27.36
N ARG A 344 5.07 4.32 27.94
CA ARG A 344 5.24 4.63 29.36
C ARG A 344 4.61 3.56 30.26
N ARG A 345 3.39 3.14 29.91
CA ARG A 345 2.68 2.10 30.66
C ARG A 345 3.36 0.74 30.57
N GLU A 346 4.15 0.55 29.51
CA GLU A 346 4.87 -0.69 29.28
C GLU A 346 6.03 -0.88 30.28
N CYS A 347 6.44 0.21 30.93
CA CYS A 347 7.49 0.17 31.95
C CYS A 347 6.91 0.10 33.36
N ALA A 348 5.92 0.95 33.62
CA ALA A 348 5.31 1.06 34.95
C ALA A 348 4.22 0.01 35.17
N ALA B 2 -12.00 10.39 27.05
CA ALA B 2 -11.77 9.60 25.80
C ALA B 2 -10.85 10.31 24.81
N THR B 3 -10.75 11.62 24.93
CA THR B 3 -9.91 12.45 24.06
C THR B 3 -8.63 12.95 24.75
N GLU B 4 -8.34 12.38 25.92
CA GLU B 4 -7.21 12.84 26.75
C GLU B 4 -5.86 12.65 26.05
N PHE B 5 -5.75 11.58 25.27
CA PHE B 5 -4.51 11.25 24.58
C PHE B 5 -4.62 11.48 23.08
N THR B 6 -5.71 12.12 22.67
CA THR B 6 -5.93 12.48 21.27
C THR B 6 -6.27 13.97 21.14
N PRO B 7 -5.25 14.84 21.32
CA PRO B 7 -5.49 16.29 21.23
C PRO B 7 -5.90 16.75 19.83
N SER B 8 -6.77 17.76 19.79
CA SER B 8 -7.14 18.42 18.55
C SER B 8 -5.99 19.24 18.00
N VAL B 9 -5.86 19.27 16.67
CA VAL B 9 -4.91 20.12 15.97
C VAL B 9 -5.02 21.57 16.44
N TYR B 10 -6.25 22.03 16.66
CA TYR B 10 -6.52 23.41 17.10
C TYR B 10 -6.02 23.73 18.53
N SER B 11 -5.79 22.70 19.33
CA SER B 11 -5.32 22.89 20.72
C SER B 11 -3.81 22.78 20.84
N LEU B 12 -3.15 22.52 19.72
CA LEU B 12 -1.70 22.32 19.68
C LEU B 12 -1.03 23.48 18.94
N VAL B 13 0.28 23.65 19.15
CA VAL B 13 1.04 24.70 18.48
C VAL B 13 1.51 24.24 17.11
N SER B 14 1.11 24.97 16.08
CA SER B 14 1.53 24.67 14.70
C SER B 14 2.81 25.39 14.34
N LYS B 15 3.90 24.63 14.20
CA LYS B 15 5.17 25.18 13.75
C LYS B 15 5.77 24.35 12.61
N PRO B 16 6.44 25.01 11.65
CA PRO B 16 7.05 24.31 10.52
C PRO B 16 8.08 23.29 11.00
N LEU B 17 8.32 22.25 10.20
CA LEU B 17 9.43 21.35 10.44
C LEU B 17 10.73 22.17 10.39
N PRO B 18 11.55 22.09 11.45
CA PRO B 18 12.79 22.88 11.55
C PRO B 18 13.76 22.59 10.41
N SER B 19 14.41 23.65 9.92
CA SER B 19 15.30 23.56 8.76
C SER B 19 16.71 23.11 9.13
N ASN B 20 17.11 23.37 10.38
CA ASN B 20 18.48 23.14 10.84
C ASN B 20 19.53 23.87 10.00
N SER B 21 19.09 24.90 9.27
CA SER B 21 19.92 25.69 8.36
C SER B 21 20.49 24.91 7.17
N ARG B 22 19.91 23.75 6.87
CA ARG B 22 20.20 23.03 5.64
C ARG B 22 18.93 22.90 4.78
N PRO B 23 18.76 23.82 3.81
CA PRO B 23 17.66 23.72 2.85
C PRO B 23 17.85 22.58 1.84
N SER B 24 16.76 21.92 1.46
CA SER B 24 16.78 20.88 0.43
C SER B 24 15.44 20.83 -0.31
N ALA B 25 15.40 20.06 -1.40
CA ALA B 25 14.19 19.91 -2.21
C ALA B 25 13.01 19.40 -1.37
N THR B 26 13.29 18.45 -0.46
CA THR B 26 12.28 17.91 0.45
C THR B 26 11.64 19.00 1.31
N LEU B 27 12.49 19.82 1.95
CA LEU B 27 12.02 20.86 2.86
C LEU B 27 11.24 21.95 2.12
N ASP B 28 11.69 22.28 0.92
CA ASP B 28 10.99 23.22 0.06
C ASP B 28 9.54 22.80 -0.16
N GLU B 29 9.35 21.52 -0.51
CA GLU B 29 8.03 20.96 -0.75
C GLU B 29 7.22 20.87 0.55
N GLN B 30 7.88 20.42 1.62
CA GLN B 30 7.26 20.28 2.93
C GLN B 30 6.72 21.61 3.45
N ALA B 31 7.55 22.66 3.38
CA ALA B 31 7.17 23.99 3.88
C ALA B 31 5.97 24.56 3.14
N GLU B 32 5.95 24.33 1.82
CA GLU B 32 4.85 24.80 0.97
C GLU B 32 3.54 24.07 1.27
N THR B 33 3.63 22.79 1.58
CA THR B 33 2.47 21.98 1.97
C THR B 33 1.99 22.36 3.37
N GLU B 34 2.93 22.61 4.28
CA GLU B 34 2.62 23.14 5.61
C GLU B 34 1.81 24.44 5.51
N ASP B 35 2.18 25.30 4.57
CA ASP B 35 1.45 26.54 4.33
C ASP B 35 0.03 26.29 3.82
N LEU B 36 -0.12 25.40 2.86
CA LEU B 36 -1.43 25.08 2.29
C LEU B 36 -2.41 24.55 3.35
N ILE B 37 -1.96 23.58 4.13
CA ILE B 37 -2.82 22.93 5.11
C ILE B 37 -3.18 23.88 6.26
N SER B 38 -2.16 24.52 6.85
CA SER B 38 -2.36 25.39 8.01
C SER B 38 -3.24 26.59 7.71
N GLN B 39 -3.09 27.18 6.52
CA GLN B 39 -3.93 28.30 6.11
C GLN B 39 -5.40 27.88 5.93
N LEU B 40 -5.61 26.65 5.46
CA LEU B 40 -6.97 26.10 5.35
C LEU B 40 -7.60 25.87 6.72
N PHE B 41 -6.81 25.35 7.66
CA PHE B 41 -7.22 25.19 9.06
C PHE B 41 -7.59 26.54 9.70
N ASP B 42 -6.83 27.59 9.35
CA ASP B 42 -7.07 28.94 9.86
C ASP B 42 -8.37 29.54 9.33
N LEU B 43 -8.71 29.21 8.09
CA LEU B 43 -9.97 29.65 7.47
C LEU B 43 -11.19 28.87 7.98
N THR B 44 -10.95 27.71 8.57
CA THR B 44 -12.02 26.77 8.92
C THR B 44 -12.32 26.78 10.42
N ALA B 45 -13.60 26.77 10.75
CA ALA B 45 -14.04 26.68 12.14
C ALA B 45 -13.61 25.36 12.76
N ASP B 46 -13.09 25.43 13.97
CA ASP B 46 -12.74 24.27 14.78
C ASP B 46 -13.98 23.37 14.89
N PRO B 47 -13.87 22.11 14.41
CA PRO B 47 -15.03 21.20 14.47
C PRO B 47 -15.50 20.92 15.89
N ASN B 48 -14.60 21.01 16.87
CA ASN B 48 -14.91 20.70 18.26
C ASN B 48 -15.68 21.80 19.00
N ALA B 49 -15.73 22.99 18.43
CA ALA B 49 -16.32 24.16 19.09
C ALA B 49 -17.84 24.13 19.17
N LEU B 50 -18.37 24.69 20.26
CA LEU B 50 -19.80 24.95 20.40
C LEU B 50 -20.15 26.24 19.66
N VAL B 51 -19.41 27.30 19.99
CA VAL B 51 -19.55 28.58 19.29
C VAL B 51 -18.74 28.56 17.98
N SER B 52 -19.35 28.02 16.93
CA SER B 52 -18.76 28.00 15.58
C SER B 52 -18.65 29.45 15.12
N GLU B 53 -17.44 30.00 15.22
CA GLU B 53 -17.24 31.45 15.07
C GLU B 53 -17.59 32.01 13.70
N HIS B 54 -18.05 33.27 13.71
CA HIS B 54 -18.64 33.91 12.55
C HIS B 54 -17.64 34.15 11.42
N GLY B 55 -18.05 33.78 10.20
CA GLY B 55 -17.25 34.03 9.01
C GLY B 55 -16.40 32.87 8.54
N LYS B 56 -16.10 31.94 9.46
CA LYS B 56 -15.22 30.82 9.14
C LYS B 56 -15.94 29.64 8.50
N ARG B 57 -15.20 28.91 7.66
CA ARG B 57 -15.76 27.79 6.91
C ARG B 57 -16.23 26.68 7.83
N TYR B 58 -17.41 26.14 7.55
CA TYR B 58 -17.93 25.02 8.32
C TYR B 58 -17.33 23.71 7.81
N SER B 59 -16.89 22.86 8.74
CA SER B 59 -16.12 21.66 8.42
C SER B 59 -16.94 20.38 8.36
N GLY B 60 -18.27 20.49 8.49
CA GLY B 60 -19.13 19.31 8.47
C GLY B 60 -18.90 18.41 7.27
N LEU B 61 -19.03 17.10 7.47
CA LEU B 61 -18.91 16.16 6.37
C LEU B 61 -20.03 16.39 5.36
N ARG B 62 -19.65 16.72 4.13
CA ARG B 62 -20.63 17.14 3.13
C ARG B 62 -21.08 15.94 2.31
N LYS B 63 -21.90 15.10 2.96
CA LYS B 63 -22.26 13.78 2.47
C LYS B 63 -22.98 13.80 1.12
N GLN B 64 -23.86 14.79 0.95
CA GLN B 64 -24.64 14.93 -0.29
C GLN B 64 -23.75 15.38 -1.46
N GLU B 65 -22.78 16.25 -1.18
CA GLU B 65 -21.82 16.68 -2.19
C GLU B 65 -20.95 15.50 -2.63
N HIS B 66 -20.53 14.68 -1.67
CA HIS B 66 -19.72 13.51 -1.98
C HIS B 66 -20.53 12.43 -2.70
N THR B 67 -21.81 12.33 -2.39
CA THR B 67 -22.70 11.40 -3.10
C THR B 67 -22.88 11.83 -4.57
N GLN B 68 -23.08 13.13 -4.80
CA GLN B 68 -23.16 13.69 -6.15
C GLN B 68 -21.89 13.45 -6.95
N PHE B 69 -20.73 13.70 -6.32
CA PHE B 69 -19.43 13.47 -6.95
C PHE B 69 -19.32 12.04 -7.49
N LEU B 70 -19.67 11.07 -6.65
CA LEU B 70 -19.63 9.66 -7.02
C LEU B 70 -20.66 9.29 -8.08
N ALA B 71 -21.84 9.91 -8.00
CA ALA B 71 -22.92 9.66 -8.96
C ALA B 71 -22.60 10.20 -10.34
N SER B 72 -21.89 11.33 -10.40
CA SER B 72 -21.60 12.04 -11.65
C SER B 72 -20.70 11.24 -12.59
N SER B 73 -19.85 10.39 -12.04
CA SER B 73 -18.96 9.57 -12.85
C SER B 73 -19.30 8.08 -12.78
N PHE B 74 -20.45 7.75 -12.20
CA PHE B 74 -20.81 6.35 -11.99
C PHE B 74 -21.43 5.72 -13.23
N PHE B 75 -22.07 6.54 -14.06
CA PHE B 75 -22.75 6.04 -15.25
C PHE B 75 -22.10 6.47 -16.55
N GLN B 76 -21.09 7.34 -16.45
CA GLN B 76 -20.37 7.82 -17.63
C GLN B 76 -19.06 8.49 -17.25
N LEU B 77 -18.02 8.20 -18.02
CA LEU B 77 -16.70 8.80 -17.85
C LEU B 77 -16.20 9.32 -19.19
N PRO B 78 -15.60 10.52 -19.22
CA PRO B 78 -15.05 11.09 -20.45
C PRO B 78 -13.89 10.28 -21.02
N GLY B 79 -13.63 10.43 -22.32
CA GLY B 79 -12.61 9.66 -23.03
C GLY B 79 -11.18 9.83 -22.52
N LYS B 80 -10.92 10.94 -21.85
CA LYS B 80 -9.60 11.20 -21.24
C LYS B 80 -9.28 10.26 -20.08
N PHE B 81 -10.29 9.61 -19.52
CA PHE B 81 -10.08 8.67 -18.43
C PHE B 81 -9.74 7.25 -18.91
N VAL B 82 -9.27 7.15 -20.15
CA VAL B 82 -8.88 5.88 -20.75
C VAL B 82 -7.70 5.22 -20.01
N SER B 83 -6.94 6.04 -19.28
CA SER B 83 -5.83 5.56 -18.48
C SER B 83 -6.28 4.64 -17.35
N LEU B 84 -7.58 4.69 -17.04
CA LEU B 84 -8.16 3.86 -15.99
C LEU B 84 -8.94 2.67 -16.55
N ASP B 85 -8.79 2.42 -17.86
CA ASP B 85 -9.47 1.32 -18.54
C ASP B 85 -9.12 -0.06 -17.92
N ALA B 86 -7.88 -0.20 -17.47
CA ALA B 86 -7.42 -1.45 -16.85
C ALA B 86 -7.79 -1.49 -15.37
N SER B 87 -8.50 -0.48 -14.90
CA SER B 87 -8.82 -0.34 -13.48
C SER B 87 -10.30 -0.07 -13.19
N ARG B 88 -11.19 -0.43 -14.11
CA ARG B 88 -12.62 -0.15 -13.94
C ARG B 88 -13.27 -0.83 -12.70
N PRO B 89 -12.85 -2.08 -12.35
CA PRO B 89 -13.35 -2.69 -11.12
C PRO B 89 -13.04 -1.88 -9.88
N TRP B 90 -11.89 -1.18 -9.87
CA TRP B 90 -11.55 -0.26 -8.79
C TRP B 90 -12.48 0.95 -8.75
N LEU B 91 -12.86 1.46 -9.91
CA LEU B 91 -13.85 2.54 -9.99
C LEU B 91 -15.17 2.11 -9.36
N VAL B 92 -15.56 0.86 -9.62
CA VAL B 92 -16.74 0.29 -8.98
C VAL B 92 -16.54 0.23 -7.47
N PHE B 93 -15.45 -0.40 -7.02
CA PHE B 93 -15.21 -0.60 -5.58
C PHE B 93 -15.13 0.71 -4.82
N TRP B 94 -14.37 1.67 -5.33
CA TRP B 94 -14.22 2.96 -4.66
C TRP B 94 -15.58 3.64 -4.47
N THR B 95 -16.47 3.45 -5.44
CA THR B 95 -17.80 4.06 -5.41
C THR B 95 -18.75 3.36 -4.45
N VAL B 96 -18.94 2.05 -4.66
CA VAL B 96 -19.94 1.32 -3.88
C VAL B 96 -19.56 1.26 -2.40
N HIS B 97 -18.26 1.17 -2.11
CA HIS B 97 -17.77 1.20 -0.74
C HIS B 97 -17.91 2.60 -0.12
N SER B 98 -17.57 3.64 -0.89
CA SER B 98 -17.78 4.99 -0.43
C SER B 98 -19.25 5.22 -0.06
N LEU B 99 -20.16 4.79 -0.93
CA LEU B 99 -21.59 4.95 -0.69
C LEU B 99 -22.05 4.19 0.56
N ASP B 100 -21.52 2.98 0.73
CA ASP B 100 -21.76 2.20 1.96
C ASP B 100 -21.37 2.99 3.22
N LEU B 101 -20.18 3.58 3.19
CA LEU B 101 -19.68 4.37 4.31
C LEU B 101 -20.53 5.63 4.54
N LEU B 102 -20.95 6.25 3.43
CA LEU B 102 -21.80 7.45 3.49
C LEU B 102 -23.25 7.12 3.84
N GLY B 103 -23.58 5.84 3.88
CA GLY B 103 -24.93 5.42 4.25
C GLY B 103 -25.99 5.71 3.19
N VAL B 104 -25.55 5.78 1.92
CA VAL B 104 -26.45 5.98 0.79
C VAL B 104 -26.65 4.64 0.09
N ALA B 105 -27.90 4.19 0.01
CA ALA B 105 -28.23 2.90 -0.61
C ALA B 105 -28.40 3.02 -2.13
N LEU B 106 -27.99 1.98 -2.84
CA LEU B 106 -28.30 1.85 -4.26
C LEU B 106 -29.61 1.07 -4.40
N ASP B 107 -30.46 1.45 -5.34
CA ASP B 107 -31.67 0.66 -5.61
C ASP B 107 -31.28 -0.68 -6.25
N GLN B 108 -32.19 -1.63 -6.27
CA GLN B 108 -31.87 -2.98 -6.73
C GLN B 108 -31.44 -3.00 -8.19
N GLY B 109 -32.14 -2.22 -9.01
CA GLY B 109 -31.82 -2.08 -10.43
C GLY B 109 -30.39 -1.65 -10.69
N THR B 110 -29.90 -0.68 -9.92
CA THR B 110 -28.52 -0.18 -10.05
C THR B 110 -27.51 -1.23 -9.56
N LYS B 111 -27.83 -1.89 -8.45
CA LYS B 111 -27.03 -3.01 -7.95
C LYS B 111 -26.90 -4.12 -8.99
N ASP B 112 -28.01 -4.47 -9.65
CA ASP B 112 -28.01 -5.50 -10.69
C ASP B 112 -27.08 -5.15 -11.85
N ARG B 113 -27.00 -3.86 -12.17
CA ARG B 113 -26.08 -3.36 -13.19
C ARG B 113 -24.62 -3.53 -12.71
N VAL B 114 -24.37 -3.27 -11.44
CA VAL B 114 -23.04 -3.45 -10.86
C VAL B 114 -22.61 -4.92 -11.01
N VAL B 115 -23.49 -5.83 -10.60
CA VAL B 115 -23.24 -7.28 -10.70
C VAL B 115 -22.96 -7.70 -12.14
N SER B 116 -23.83 -7.32 -13.06
CA SER B 116 -23.68 -7.64 -14.47
C SER B 116 -22.34 -7.15 -15.03
N THR B 117 -21.99 -5.90 -14.73
CA THR B 117 -20.74 -5.29 -15.19
C THR B 117 -19.55 -6.13 -14.75
N LEU B 118 -19.52 -6.48 -13.46
CA LEU B 118 -18.39 -7.20 -12.87
C LEU B 118 -18.27 -8.64 -13.34
N LEU B 119 -19.41 -9.32 -13.53
CA LEU B 119 -19.42 -10.71 -13.99
C LEU B 119 -18.85 -10.89 -15.39
N HIS B 120 -19.01 -9.87 -16.22
CA HIS B 120 -18.43 -9.87 -17.56
C HIS B 120 -16.91 -9.73 -17.51
N PHE B 121 -16.38 -9.27 -16.38
CA PHE B 121 -14.95 -9.21 -16.14
C PHE B 121 -14.37 -10.58 -15.72
N LEU B 122 -15.26 -11.52 -15.37
CA LEU B 122 -14.82 -12.84 -14.95
C LEU B 122 -14.48 -13.71 -16.15
N SER B 123 -13.25 -14.21 -16.20
CA SER B 123 -12.90 -15.14 -17.26
C SER B 123 -13.09 -16.58 -16.77
N PRO B 124 -13.60 -17.47 -17.66
CA PRO B 124 -13.80 -18.89 -17.33
C PRO B 124 -12.56 -19.63 -16.79
N LYS B 125 -11.36 -19.19 -17.18
CA LYS B 125 -10.11 -19.80 -16.68
C LYS B 125 -9.81 -19.42 -15.23
N GLY B 126 -10.49 -18.39 -14.73
CA GLY B 126 -10.34 -17.96 -13.34
C GLY B 126 -9.89 -16.52 -13.19
N GLY B 127 -10.51 -15.80 -12.26
CA GLY B 127 -10.13 -14.42 -11.95
C GLY B 127 -10.86 -13.34 -12.73
N PHE B 128 -10.84 -12.12 -12.18
CA PHE B 128 -11.38 -10.94 -12.84
C PHE B 128 -10.23 -10.10 -13.41
N GLY B 129 -10.44 -9.56 -14.59
CA GLY B 129 -9.53 -8.56 -15.17
C GLY B 129 -10.09 -7.16 -15.00
N GLY B 130 -9.35 -6.16 -15.49
CA GLY B 130 -9.76 -4.75 -15.39
C GLY B 130 -10.82 -4.35 -16.41
N GLY B 131 -11.28 -5.32 -17.19
CA GLY B 131 -12.32 -5.10 -18.19
C GLY B 131 -12.99 -6.42 -18.56
N PRO B 132 -13.89 -6.41 -19.54
CA PRO B 132 -14.51 -7.66 -20.00
C PRO B 132 -13.47 -8.74 -20.35
N ALA B 133 -13.83 -9.99 -20.09
CA ALA B 133 -12.93 -11.13 -20.31
C ALA B 133 -12.43 -11.26 -21.75
N ASN B 134 -13.20 -10.74 -22.71
CA ASN B 134 -12.77 -10.78 -24.11
C ASN B 134 -11.84 -9.62 -24.47
N SER B 135 -11.48 -8.82 -23.47
CA SER B 135 -10.69 -7.60 -23.68
C SER B 135 -9.43 -7.54 -22.81
N GLN B 136 -9.51 -8.12 -21.62
CA GLN B 136 -8.40 -8.05 -20.66
C GLN B 136 -8.19 -9.40 -19.97
N ILE B 137 -6.95 -9.66 -19.57
CA ILE B 137 -6.60 -10.89 -18.85
C ILE B 137 -6.83 -10.72 -17.33
N PRO B 138 -7.05 -11.84 -16.61
CA PRO B 138 -7.23 -11.78 -15.15
C PRO B 138 -6.04 -11.20 -14.42
N HIS B 139 -6.29 -10.61 -13.26
CA HIS B 139 -5.29 -9.86 -12.50
C HIS B 139 -5.74 -9.87 -11.04
N LEU B 140 -4.80 -10.05 -10.12
CA LEU B 140 -5.13 -10.18 -8.69
C LEU B 140 -5.85 -8.97 -8.08
N LEU B 141 -5.47 -7.78 -8.52
CA LEU B 141 -6.03 -6.54 -7.94
C LEU B 141 -7.49 -6.26 -8.32
N PRO B 142 -7.84 -6.29 -9.61
CA PRO B 142 -9.27 -6.24 -9.97
C PRO B 142 -10.09 -7.43 -9.45
N THR B 143 -9.41 -8.55 -9.15
CA THR B 143 -10.09 -9.70 -8.54
C THR B 143 -10.55 -9.34 -7.12
N TYR B 144 -9.67 -8.70 -6.34
CA TYR B 144 -10.06 -8.16 -5.03
C TYR B 144 -11.17 -7.13 -5.15
N ALA B 145 -11.01 -6.19 -6.07
CA ALA B 145 -11.96 -5.10 -6.26
C ALA B 145 -13.33 -5.63 -6.68
N SER B 146 -13.34 -6.65 -7.54
CA SER B 146 -14.58 -7.26 -8.03
C SER B 146 -15.29 -8.05 -6.94
N VAL B 147 -14.53 -8.88 -6.21
CA VAL B 147 -15.10 -9.72 -5.16
C VAL B 147 -15.71 -8.87 -4.05
N CYS B 148 -14.96 -7.88 -3.58
CA CYS B 148 -15.47 -6.95 -2.58
C CYS B 148 -16.67 -6.16 -3.05
N SER B 149 -16.66 -5.72 -4.32
CA SER B 149 -17.81 -5.02 -4.89
C SER B 149 -19.05 -5.92 -4.92
N LEU B 150 -18.85 -7.21 -5.13
CA LEU B 150 -19.97 -8.15 -5.17
C LEU B 150 -20.49 -8.41 -3.75
N ALA B 151 -19.61 -8.38 -2.76
CA ALA B 151 -20.02 -8.42 -1.36
C ALA B 151 -20.91 -7.23 -1.01
N ILE B 152 -20.64 -6.09 -1.65
CA ILE B 152 -21.34 -4.84 -1.34
C ILE B 152 -22.66 -4.69 -2.09
N ALA B 153 -22.68 -5.02 -3.38
CA ALA B 153 -23.83 -4.72 -4.24
C ALA B 153 -24.61 -5.95 -4.67
N GLY B 154 -24.08 -7.14 -4.38
CA GLY B 154 -24.69 -8.39 -4.79
C GLY B 154 -25.51 -9.06 -3.71
N ASN B 155 -26.02 -10.25 -4.03
CA ASN B 155 -26.88 -11.01 -3.13
C ASN B 155 -26.90 -12.51 -3.47
N ASP B 156 -27.69 -13.29 -2.74
CA ASP B 156 -27.70 -14.74 -2.88
C ASP B 156 -28.76 -15.29 -3.85
N SER B 157 -29.46 -14.42 -4.57
CA SER B 157 -30.42 -14.85 -5.60
C SER B 157 -29.67 -15.20 -6.88
N SER B 158 -30.42 -15.68 -7.89
CA SER B 158 -29.82 -16.12 -9.15
C SER B 158 -29.22 -14.98 -10.00
N THR B 159 -29.66 -13.74 -9.74
CA THR B 159 -29.10 -12.58 -10.43
C THR B 159 -28.15 -11.80 -9.52
N GLY B 160 -27.83 -12.38 -8.36
CA GLY B 160 -27.09 -11.70 -7.31
C GLY B 160 -25.58 -11.72 -7.42
N GLY B 161 -25.06 -12.62 -8.26
CA GLY B 161 -23.62 -12.70 -8.50
C GLY B 161 -22.82 -13.63 -7.60
N TRP B 162 -23.30 -13.86 -6.37
CA TRP B 162 -22.62 -14.71 -5.40
C TRP B 162 -22.58 -16.16 -5.88
N LYS B 163 -23.70 -16.59 -6.46
CA LYS B 163 -23.82 -17.91 -7.10
C LYS B 163 -22.68 -18.12 -8.09
N ASP B 164 -22.44 -17.13 -8.94
CA ASP B 164 -21.40 -17.20 -9.96
C ASP B 164 -20.00 -17.35 -9.35
N LEU B 165 -19.76 -16.64 -8.25
CA LEU B 165 -18.48 -16.75 -7.53
C LEU B 165 -18.27 -18.14 -6.97
N ALA B 166 -19.32 -18.70 -6.37
CA ALA B 166 -19.29 -20.06 -5.85
C ALA B 166 -18.91 -21.06 -6.95
N ALA B 167 -19.49 -20.89 -8.14
CA ALA B 167 -19.20 -21.78 -9.26
C ALA B 167 -17.78 -21.57 -9.80
N ALA B 168 -17.27 -20.36 -9.61
CA ALA B 168 -15.93 -19.99 -10.09
C ALA B 168 -14.81 -20.37 -9.13
N ARG B 169 -15.16 -20.92 -7.97
CA ARG B 169 -14.18 -21.20 -6.91
C ARG B 169 -12.94 -22.00 -7.36
N GLN B 170 -13.15 -23.11 -8.06
CA GLN B 170 -12.04 -23.93 -8.56
C GLN B 170 -11.14 -23.18 -9.54
N SER B 171 -11.75 -22.48 -10.50
CA SER B 171 -11.00 -21.77 -11.53
C SER B 171 -10.21 -20.57 -10.97
N ILE B 172 -10.81 -19.84 -10.03
CA ILE B 172 -10.13 -18.74 -9.34
C ILE B 172 -8.92 -19.27 -8.55
N TYR B 173 -9.11 -20.38 -7.85
CA TYR B 173 -8.02 -21.03 -7.13
C TYR B 173 -6.87 -21.44 -8.05
N GLU B 174 -7.20 -21.98 -9.23
CA GLU B 174 -6.19 -22.36 -10.22
C GLU B 174 -5.44 -21.15 -10.76
N PHE B 175 -6.16 -20.05 -10.99
CA PHE B 175 -5.55 -18.79 -11.41
C PHE B 175 -4.54 -18.34 -10.37
N PHE B 176 -4.94 -18.40 -9.11
CA PHE B 176 -4.08 -18.09 -7.98
C PHE B 176 -2.82 -18.95 -7.98
N MET B 177 -2.98 -20.25 -8.24
CA MET B 177 -1.84 -21.17 -8.27
C MET B 177 -0.89 -20.92 -9.45
N ARG B 178 -1.43 -20.45 -10.57
CA ARG B 178 -0.61 -20.05 -11.72
C ARG B 178 0.22 -18.82 -11.41
N CYS B 179 -0.32 -17.96 -10.54
CA CYS B 179 0.36 -16.74 -10.13
C CYS B 179 1.50 -16.99 -9.15
N LYS B 180 1.49 -18.16 -8.53
CA LYS B 180 2.42 -18.46 -7.44
C LYS B 180 3.86 -18.66 -7.93
N ARG B 181 4.80 -18.05 -7.22
CA ARG B 181 6.23 -18.30 -7.41
C ARG B 181 6.77 -19.10 -6.21
N PRO B 182 7.86 -19.87 -6.41
CA PRO B 182 8.39 -20.73 -5.35
C PRO B 182 8.81 -19.99 -4.08
N ASP B 183 9.24 -18.73 -4.21
CA ASP B 183 9.72 -17.95 -3.07
C ASP B 183 8.60 -17.45 -2.12
N GLY B 184 7.35 -17.60 -2.55
CA GLY B 184 6.21 -17.18 -1.74
C GLY B 184 5.51 -15.94 -2.26
N GLY B 185 6.08 -15.33 -3.30
CA GLY B 185 5.44 -14.20 -3.94
C GLY B 185 4.48 -14.63 -5.04
N PHE B 186 3.60 -13.72 -5.44
CA PHE B 186 2.69 -13.96 -6.55
C PHE B 186 2.89 -12.90 -7.63
N VAL B 187 2.83 -13.30 -8.90
CA VAL B 187 2.70 -12.32 -9.97
C VAL B 187 1.27 -11.81 -9.95
N VAL B 188 1.08 -10.53 -10.25
CA VAL B 188 -0.27 -9.96 -10.23
C VAL B 188 -1.13 -10.49 -11.36
N CYS B 189 -0.48 -10.80 -12.48
CA CYS B 189 -1.13 -11.38 -13.66
C CYS B 189 -0.05 -12.09 -14.46
N GLU B 190 -0.46 -12.76 -15.53
CA GLU B 190 0.48 -13.50 -16.38
C GLU B 190 1.54 -12.57 -16.95
N GLY B 191 2.81 -12.93 -16.75
CA GLY B 191 3.95 -12.10 -17.15
C GLY B 191 4.08 -10.81 -16.35
N GLY B 192 3.30 -10.68 -15.28
CA GLY B 192 3.22 -9.46 -14.48
C GLY B 192 4.22 -9.35 -13.34
N GLU B 193 4.13 -8.25 -12.60
CA GLU B 193 5.04 -7.96 -11.50
C GLU B 193 4.69 -8.72 -10.23
N VAL B 194 5.73 -9.02 -9.45
CA VAL B 194 5.57 -9.63 -8.14
C VAL B 194 5.55 -8.52 -7.10
N ASP B 195 4.45 -8.39 -6.37
CA ASP B 195 4.44 -7.52 -5.19
C ASP B 195 3.41 -7.91 -4.13
N VAL B 196 3.60 -7.36 -2.95
CA VAL B 196 2.84 -7.72 -1.76
C VAL B 196 1.34 -7.29 -1.80
N ARG B 197 1.00 -6.32 -2.66
CA ARG B 197 -0.41 -5.98 -2.90
C ARG B 197 -1.18 -7.16 -3.51
N GLY B 198 -0.53 -7.83 -4.46
CA GLY B 198 -1.07 -9.05 -5.06
C GLY B 198 -1.36 -10.10 -4.01
N THR B 199 -0.39 -10.34 -3.13
CA THR B 199 -0.56 -11.25 -2.00
C THR B 199 -1.79 -10.90 -1.17
N TYR B 200 -1.90 -9.64 -0.79
CA TYR B 200 -3.02 -9.15 0.01
C TYR B 200 -4.36 -9.43 -0.65
N CYS B 201 -4.48 -9.03 -1.91
CA CYS B 201 -5.70 -9.20 -2.69
C CYS B 201 -6.09 -10.66 -2.84
N LEU B 202 -5.10 -11.51 -3.05
CA LEU B 202 -5.29 -12.95 -3.20
C LEU B 202 -5.76 -13.57 -1.89
N LEU B 203 -5.07 -13.22 -0.80
CA LEU B 203 -5.42 -13.72 0.53
C LEU B 203 -6.80 -13.28 1.01
N VAL B 204 -7.23 -12.07 0.65
CA VAL B 204 -8.57 -11.62 0.99
C VAL B 204 -9.60 -12.52 0.29
N VAL B 205 -9.48 -12.61 -1.03
CA VAL B 205 -10.41 -13.40 -1.84
C VAL B 205 -10.43 -14.88 -1.41
N ALA B 206 -9.25 -15.46 -1.21
CA ALA B 206 -9.13 -16.87 -0.83
C ALA B 206 -9.77 -17.16 0.53
N THR B 207 -9.66 -16.20 1.44
CA THR B 207 -10.28 -16.27 2.75
C THR B 207 -11.80 -16.21 2.62
N LEU B 208 -12.31 -15.23 1.87
CA LEU B 208 -13.74 -15.04 1.71
C LEU B 208 -14.46 -16.21 1.04
N LEU B 209 -13.77 -16.87 0.10
CA LEU B 209 -14.40 -17.90 -0.74
C LEU B 209 -14.09 -19.34 -0.35
N ASP B 210 -13.43 -19.54 0.79
CA ASP B 210 -13.07 -20.87 1.30
C ASP B 210 -12.24 -21.67 0.27
N ILE B 211 -11.14 -21.07 -0.19
CA ILE B 211 -10.26 -21.76 -1.14
C ILE B 211 -8.78 -21.74 -0.72
N ILE B 212 -8.54 -21.72 0.59
CA ILE B 212 -7.18 -21.74 1.13
C ILE B 212 -6.67 -23.18 1.28
N THR B 213 -5.47 -23.44 0.73
CA THR B 213 -4.81 -24.73 0.85
C THR B 213 -3.36 -24.54 1.32
N PRO B 214 -2.74 -25.60 1.90
CA PRO B 214 -1.33 -25.55 2.25
C PRO B 214 -0.42 -25.15 1.08
N GLU B 215 -0.65 -25.74 -0.09
CA GLU B 215 0.17 -25.43 -1.28
C GLU B 215 0.08 -23.97 -1.69
N LEU B 216 -1.09 -23.36 -1.52
CA LEU B 216 -1.30 -21.95 -1.86
C LEU B 216 -0.46 -21.05 -0.96
N LEU B 217 -0.26 -21.49 0.27
CA LEU B 217 0.35 -20.66 1.31
C LEU B 217 1.86 -20.87 1.55
N HIS B 218 2.42 -21.90 0.93
CA HIS B 218 3.83 -22.22 1.16
C HIS B 218 4.76 -21.06 0.81
N ASN B 219 5.57 -20.66 1.80
CA ASN B 219 6.54 -19.55 1.68
C ASN B 219 5.94 -18.15 1.64
N VAL B 220 4.61 -18.06 1.53
CA VAL B 220 3.94 -16.76 1.44
C VAL B 220 4.24 -15.90 2.66
N ASP B 221 4.24 -16.52 3.83
CA ASP B 221 4.62 -15.86 5.08
C ASP B 221 6.04 -15.29 5.06
N LYS B 222 6.98 -16.04 4.48
CA LYS B 222 8.38 -15.62 4.39
C LYS B 222 8.59 -14.45 3.42
N PHE B 223 7.84 -14.46 2.31
CA PHE B 223 7.92 -13.35 1.36
C PHE B 223 7.47 -12.05 2.02
N VAL B 224 6.30 -12.08 2.62
CA VAL B 224 5.73 -10.91 3.29
C VAL B 224 6.65 -10.45 4.39
N SER B 225 7.08 -11.39 5.23
CA SER B 225 7.91 -11.07 6.38
C SER B 225 9.26 -10.44 6.00
N ALA B 226 9.79 -10.84 4.84
CA ALA B 226 11.05 -10.27 4.35
C ALA B 226 10.87 -8.89 3.68
N CYS B 227 9.63 -8.48 3.49
CA CYS B 227 9.33 -7.13 3.00
C CYS B 227 9.55 -6.04 4.05
N GLN B 228 9.65 -6.44 5.33
CA GLN B 228 9.80 -5.46 6.40
C GLN B 228 11.20 -4.82 6.37
N THR B 229 11.25 -3.49 6.41
CA THR B 229 12.51 -2.76 6.30
C THR B 229 13.03 -2.31 7.66
N TYR B 230 14.26 -1.81 7.70
CA TYR B 230 14.85 -1.28 8.94
C TYR B 230 13.99 -0.21 9.59
N GLU B 231 13.14 0.42 8.78
CA GLU B 231 12.27 1.49 9.25
C GLU B 231 11.06 0.98 10.05
N GLY B 232 10.68 -0.27 9.81
CA GLY B 232 9.57 -0.87 10.54
C GLY B 232 8.34 -1.13 9.70
N GLY B 233 8.17 -0.34 8.65
CA GLY B 233 7.15 -0.61 7.65
C GLY B 233 7.62 -1.64 6.64
N PHE B 234 6.83 -1.84 5.59
CA PHE B 234 7.10 -2.88 4.60
C PHE B 234 7.24 -2.31 3.19
N ALA B 235 8.16 -2.90 2.42
CA ALA B 235 8.33 -2.60 1.00
C ALA B 235 7.33 -3.39 0.14
N CYS B 236 7.33 -3.12 -1.16
CA CYS B 236 6.45 -3.81 -2.11
C CYS B 236 6.83 -5.27 -2.35
N ALA B 237 8.11 -5.58 -2.20
CA ALA B 237 8.60 -6.93 -2.48
C ALA B 237 9.91 -7.23 -1.80
N SER B 238 10.28 -8.50 -1.78
CA SER B 238 11.58 -8.95 -1.31
C SER B 238 12.24 -9.82 -2.37
N PHE B 239 13.57 -9.86 -2.34
CA PHE B 239 14.34 -10.62 -3.32
C PHE B 239 14.97 -11.85 -2.68
N PRO B 240 14.73 -13.02 -3.28
CA PRO B 240 15.36 -14.25 -2.81
C PRO B 240 16.74 -14.47 -3.44
N PHE B 241 17.78 -14.43 -2.62
CA PHE B 241 19.12 -14.76 -3.07
C PHE B 241 19.35 -16.27 -2.91
N PRO B 242 19.66 -16.93 -4.03
CA PRO B 242 19.90 -18.36 -4.02
C PRO B 242 21.30 -18.67 -3.54
N GLU B 255 15.12 -22.99 0.43
CA GLU B 255 16.06 -22.84 -0.70
C GLU B 255 16.85 -21.52 -0.74
N PRO B 256 16.19 -20.36 -0.52
CA PRO B 256 16.93 -19.08 -0.57
C PRO B 256 17.86 -18.90 0.63
N SER B 257 19.10 -18.51 0.36
CA SER B 257 20.10 -18.27 1.41
C SER B 257 19.78 -17.03 2.26
N CYS B 258 19.05 -16.06 1.67
CA CYS B 258 18.47 -14.95 2.41
C CYS B 258 17.51 -14.13 1.53
N ARG B 259 16.56 -13.47 2.18
CA ARG B 259 15.61 -12.59 1.48
C ARG B 259 15.85 -11.14 1.91
N VAL B 260 15.79 -10.22 0.94
CA VAL B 260 16.10 -8.81 1.19
C VAL B 260 14.97 -7.92 0.67
N SER B 261 14.55 -6.94 1.47
CA SER B 261 13.56 -5.94 1.04
C SER B 261 14.09 -5.10 -0.14
N MET B 262 13.19 -4.73 -1.05
CA MET B 262 13.58 -4.14 -2.33
CA MET B 262 13.58 -4.14 -2.33
C MET B 262 13.31 -2.64 -2.44
N ALA B 263 12.80 -2.03 -1.37
CA ALA B 263 12.45 -0.61 -1.40
C ALA B 263 12.10 -0.09 -0.02
N GLU B 264 11.68 1.17 0.04
CA GLU B 264 11.26 1.81 1.29
C GLU B 264 10.01 1.19 1.89
N ALA B 265 9.94 1.26 3.22
CA ALA B 265 8.68 1.15 3.95
C ALA B 265 7.71 2.17 3.35
N HIS B 266 6.54 1.69 2.98
CA HIS B 266 5.57 2.50 2.27
C HIS B 266 4.18 2.18 2.80
N GLY B 267 3.40 3.23 3.09
CA GLY B 267 2.05 3.12 3.62
C GLY B 267 1.16 2.08 2.97
N GLY B 268 1.11 2.09 1.63
CA GLY B 268 0.33 1.12 0.88
C GLY B 268 0.75 -0.32 1.07
N TYR B 269 2.05 -0.59 0.95
CA TYR B 269 2.57 -1.95 1.06
C TYR B 269 2.66 -2.43 2.51
N THR B 270 2.77 -1.47 3.44
CA THR B 270 2.73 -1.77 4.87
C THR B 270 1.33 -2.24 5.27
N SER B 271 0.31 -1.55 4.75
CA SER B 271 -1.08 -1.97 4.92
C SER B 271 -1.27 -3.39 4.40
N CYS B 272 -0.85 -3.62 3.16
CA CYS B 272 -1.04 -4.91 2.49
C CYS B 272 -0.29 -6.03 3.18
N SER B 273 0.90 -5.71 3.72
CA SER B 273 1.72 -6.70 4.42
C SER B 273 1.16 -7.07 5.77
N LEU B 274 0.82 -6.06 6.58
CA LEU B 274 0.21 -6.25 7.88
C LEU B 274 -1.09 -7.06 7.80
N ASN B 275 -1.93 -6.72 6.82
CA ASN B 275 -3.18 -7.43 6.57
C ASN B 275 -2.96 -8.87 6.10
N SER B 276 -2.03 -9.04 5.15
CA SER B 276 -1.65 -10.37 4.66
C SER B 276 -1.20 -11.25 5.81
N HIS B 277 -0.24 -10.74 6.58
CA HIS B 277 0.24 -11.45 7.75
C HIS B 277 -0.93 -11.78 8.69
N PHE B 278 -1.78 -10.80 8.98
CA PHE B 278 -2.90 -11.05 9.88
C PHE B 278 -3.79 -12.20 9.38
N LEU B 279 -4.12 -12.18 8.09
CA LEU B 279 -4.92 -13.23 7.47
C LEU B 279 -4.25 -14.61 7.58
N LEU B 280 -2.92 -14.61 7.50
CA LEU B 280 -2.15 -15.86 7.62
C LEU B 280 -2.16 -16.45 9.03
N THR B 281 -2.31 -15.60 10.05
CA THR B 281 -2.27 -16.07 11.44
C THR B 281 -3.49 -16.90 11.87
N SER B 282 -4.55 -16.93 11.05
CA SER B 282 -5.69 -17.81 11.34
C SER B 282 -5.61 -19.17 10.65
N VAL B 283 -4.57 -19.37 9.84
CA VAL B 283 -4.36 -20.64 9.19
C VAL B 283 -3.50 -21.52 10.10
N PRO B 284 -4.07 -22.64 10.58
CA PRO B 284 -3.39 -23.48 11.56
C PRO B 284 -2.40 -24.47 10.94
N LEU B 285 -1.39 -23.95 10.24
CA LEU B 285 -0.27 -24.74 9.76
C LEU B 285 0.89 -24.61 10.76
N PRO B 286 1.75 -25.65 10.84
CA PRO B 286 2.83 -25.63 11.84
C PRO B 286 3.94 -24.63 11.55
N SER B 287 4.44 -23.96 12.60
CA SER B 287 5.47 -22.92 12.48
C SER B 287 5.12 -21.90 11.41
N PHE B 288 3.87 -21.46 11.42
CA PHE B 288 3.31 -20.62 10.37
C PHE B 288 2.29 -19.67 11.01
N PRO B 289 2.31 -18.39 10.62
CA PRO B 289 3.29 -17.80 9.69
C PRO B 289 4.56 -17.36 10.40
N LEU B 290 5.66 -17.27 9.65
CA LEU B 290 6.88 -16.68 10.15
C LEU B 290 6.56 -15.31 10.73
N SER B 291 7.08 -15.04 11.92
CA SER B 291 6.75 -13.81 12.62
C SER B 291 7.25 -12.56 11.89
N ILE B 292 6.63 -11.43 12.22
CA ILE B 292 7.10 -10.11 11.79
C ILE B 292 7.44 -9.32 13.04
N ASP B 293 8.07 -8.16 12.87
CA ASP B 293 8.38 -7.27 13.97
C ASP B 293 7.21 -6.32 14.17
N ALA B 294 6.25 -6.74 14.99
CA ALA B 294 5.00 -5.99 15.19
C ALA B 294 5.22 -4.62 15.83
N ASN B 295 6.09 -4.58 16.83
CA ASN B 295 6.41 -3.33 17.53
C ASN B 295 7.01 -2.27 16.61
N ALA B 296 7.90 -2.69 15.71
CA ALA B 296 8.52 -1.81 14.74
C ALA B 296 7.52 -1.30 13.70
N ALA B 297 6.53 -2.12 13.38
CA ALA B 297 5.48 -1.77 12.42
C ALA B 297 4.53 -0.75 13.02
N LEU B 298 4.24 -0.92 14.31
CA LEU B 298 3.40 0.01 15.05
C LEU B 298 4.13 1.35 15.18
N ARG B 299 5.42 1.28 15.54
CA ARG B 299 6.26 2.47 15.66
C ARG B 299 6.25 3.26 14.36
N TRP B 300 6.53 2.58 13.25
CA TRP B 300 6.54 3.22 11.94
C TRP B 300 5.18 3.81 11.61
N THR B 301 4.12 3.08 11.92
CA THR B 301 2.75 3.51 11.64
C THR B 301 2.48 4.83 12.35
N VAL B 302 2.67 4.84 13.67
CA VAL B 302 2.37 6.05 14.47
C VAL B 302 3.24 7.24 14.06
N LEU B 303 4.49 6.99 13.65
CA LEU B 303 5.41 8.05 13.26
C LEU B 303 5.06 8.74 11.93
N GLN B 304 4.17 8.11 11.15
CA GLN B 304 3.75 8.71 9.87
C GLN B 304 2.60 9.70 10.01
N GLN B 305 1.99 9.78 11.19
CA GLN B 305 0.96 10.79 11.43
C GLN B 305 1.64 12.15 11.48
N GLY B 306 1.10 13.08 10.70
CA GLY B 306 1.69 14.40 10.54
C GLY B 306 1.62 15.28 11.77
N GLU B 307 2.46 16.31 11.76
CA GLU B 307 2.48 17.32 12.78
C GLU B 307 1.25 18.22 12.67
N PRO B 308 0.89 18.93 13.77
CA PRO B 308 -0.27 19.83 13.76
C PRO B 308 -0.33 20.74 12.53
N ILE B 309 0.80 21.34 12.15
CA ILE B 309 0.84 22.26 11.00
C ILE B 309 0.42 21.59 9.68
N GLU B 310 0.64 20.29 9.56
CA GLU B 310 0.22 19.55 8.37
C GLU B 310 -1.09 18.81 8.61
N GLY B 311 -1.80 19.21 9.65
CA GLY B 311 -3.20 18.84 9.86
C GLY B 311 -3.44 17.49 10.49
N GLY B 312 -2.38 16.82 10.94
CA GLY B 312 -2.52 15.52 11.59
C GLY B 312 -2.90 14.38 10.66
N GLY B 313 -2.81 14.62 9.35
CA GLY B 313 -2.99 13.57 8.35
C GLY B 313 -1.76 12.70 8.25
N PHE B 314 -1.86 11.58 7.56
CA PHE B 314 -0.74 10.64 7.44
C PHE B 314 0.04 10.84 6.15
N ARG B 315 1.35 10.62 6.23
CA ARG B 315 2.19 10.48 5.05
C ARG B 315 2.39 8.98 4.78
N GLY B 316 2.90 8.65 3.60
CA GLY B 316 3.09 7.27 3.18
C GLY B 316 4.51 6.75 3.34
N ARG B 317 5.49 7.67 3.32
CA ARG B 317 6.84 7.34 3.72
C ARG B 317 7.58 8.51 4.36
N THR B 318 8.63 8.18 5.10
CA THR B 318 9.45 9.16 5.78
C THR B 318 9.85 10.30 4.84
N ASN B 319 9.77 11.53 5.34
CA ASN B 319 10.16 12.74 4.61
C ASN B 319 9.38 12.99 3.31
N LYS B 320 8.16 12.47 3.24
CA LYS B 320 7.28 12.80 2.15
C LYS B 320 6.00 13.45 2.65
N LEU B 321 5.25 14.04 1.72
CA LEU B 321 4.09 14.85 2.05
C LEU B 321 2.93 14.01 2.54
N VAL B 322 2.18 14.55 3.51
CA VAL B 322 0.94 13.92 3.95
C VAL B 322 -0.05 13.82 2.79
N ASP B 323 -0.92 12.81 2.87
CA ASP B 323 -1.85 12.51 1.79
C ASP B 323 -3.06 11.81 2.37
N GLY B 324 -4.23 12.38 2.09
CA GLY B 324 -5.50 11.83 2.56
C GLY B 324 -5.63 10.32 2.42
N CYS B 325 -5.11 9.74 1.34
CA CYS B 325 -5.29 8.29 1.08
C CYS B 325 -4.60 7.41 2.12
N TYR B 326 -3.54 7.92 2.73
CA TYR B 326 -2.83 7.17 3.77
C TYR B 326 -3.60 7.10 5.09
N SER B 327 -4.74 7.78 5.14
CA SER B 327 -5.62 7.64 6.30
C SER B 327 -6.12 6.19 6.37
N TRP B 328 -6.37 5.58 5.21
CA TRP B 328 -6.71 4.17 5.18
C TRP B 328 -5.45 3.27 5.24
N TRP B 329 -4.47 3.53 4.37
CA TRP B 329 -3.30 2.64 4.28
C TRP B 329 -2.52 2.56 5.59
N VAL B 330 -2.19 3.71 6.17
CA VAL B 330 -1.45 3.73 7.43
C VAL B 330 -2.39 3.64 8.62
N GLY B 331 -3.41 4.48 8.67
CA GLY B 331 -4.37 4.51 9.79
C GLY B 331 -5.11 3.19 9.99
N GLY B 332 -5.54 2.59 8.88
CA GLY B 332 -6.26 1.32 8.90
C GLY B 332 -5.37 0.14 9.24
N GLY B 333 -4.06 0.36 9.22
CA GLY B 333 -3.10 -0.67 9.60
C GLY B 333 -2.82 -0.64 11.09
N ALA B 334 -3.10 0.51 11.70
CA ALA B 334 -2.90 0.70 13.15
C ALA B 334 -3.57 -0.38 14.03
N PRO B 335 -4.90 -0.63 13.86
CA PRO B 335 -5.52 -1.66 14.71
C PRO B 335 -4.94 -3.07 14.53
N VAL B 336 -4.44 -3.35 13.33
CA VAL B 336 -3.83 -4.65 13.02
C VAL B 336 -2.48 -4.79 13.71
N ALA B 337 -1.65 -3.75 13.59
CA ALA B 337 -0.34 -3.72 14.26
C ALA B 337 -0.52 -3.79 15.77
N GLU B 338 -1.50 -3.04 16.28
CA GLU B 338 -1.82 -3.01 17.70
C GLU B 338 -2.22 -4.39 18.21
N GLU B 339 -3.04 -5.11 17.44
CA GLU B 339 -3.46 -6.45 17.82
C GLU B 339 -2.30 -7.45 17.84
N LEU B 340 -1.42 -7.36 16.84
CA LEU B 340 -0.23 -8.22 16.76
C LEU B 340 0.75 -7.96 17.91
N VAL B 341 0.86 -6.69 18.31
CA VAL B 341 1.69 -6.32 19.46
C VAL B 341 1.08 -6.89 20.74
N ARG B 342 -0.23 -6.76 20.86
CA ARG B 342 -0.97 -7.30 22.00
C ARG B 342 -0.76 -8.81 22.16
N ARG B 343 -0.79 -9.54 21.05
CA ARG B 343 -0.61 -11.00 21.05
C ARG B 343 0.80 -11.44 21.43
N GLU B 344 1.79 -10.65 21.03
CA GLU B 344 3.19 -10.96 21.31
C GLU B 344 3.52 -10.72 22.78
N LYS B 345 2.92 -9.70 23.38
CA LYS B 345 3.05 -9.43 24.81
C LYS B 345 2.38 -10.53 25.64
N SER B 346 1.24 -11.02 25.17
CA SER B 346 0.55 -12.15 25.81
C SER B 346 1.33 -13.44 25.70
N ARG B 347 2.16 -13.55 24.65
CA ARG B 347 2.98 -14.73 24.44
C ARG B 347 4.17 -14.79 25.40
N LYS B 348 4.48 -13.67 26.05
CA LYS B 348 5.48 -13.63 27.13
C LYS B 348 4.83 -13.75 28.51
N VAL B 349 3.80 -12.94 28.76
CA VAL B 349 3.09 -12.92 30.04
C VAL B 349 2.17 -14.15 30.23
N ILE B 371 -7.67 1.41 27.99
CA ILE B 371 -6.47 1.52 27.15
C ILE B 371 -6.58 2.68 26.15
N PRO B 372 -5.60 3.62 26.17
CA PRO B 372 -5.65 4.80 25.32
C PRO B 372 -5.40 4.46 23.84
N PRO B 373 -5.95 5.27 22.92
CA PRO B 373 -5.72 5.12 21.49
C PRO B 373 -4.24 5.19 21.14
N ILE B 374 -3.86 4.52 20.06
CA ILE B 374 -2.47 4.37 19.70
C ILE B 374 -2.01 5.40 18.65
N PHE B 375 -2.97 6.00 17.96
CA PHE B 375 -2.72 7.13 17.07
C PHE B 375 -3.76 8.21 17.34
N ASN B 376 -3.48 9.43 16.90
CA ASN B 376 -4.39 10.53 17.17
C ASN B 376 -5.67 10.44 16.33
N ARG B 377 -6.68 9.79 16.90
CA ARG B 377 -7.97 9.58 16.24
C ARG B 377 -8.68 10.89 15.93
N VAL B 378 -8.54 11.88 16.80
CA VAL B 378 -9.20 13.18 16.63
C VAL B 378 -8.58 13.98 15.48
N ALA B 379 -7.26 14.12 15.50
CA ALA B 379 -6.55 14.91 14.48
C ALA B 379 -6.74 14.35 13.07
N LEU B 380 -6.83 13.03 12.96
CA LEU B 380 -7.06 12.40 11.65
C LEU B 380 -8.44 12.76 11.07
N GLN B 381 -9.45 12.77 11.93
CA GLN B 381 -10.80 13.20 11.52
C GLN B 381 -10.77 14.67 11.12
N GLU B 382 -10.02 15.46 11.86
CA GLU B 382 -9.84 16.87 11.54
C GLU B 382 -9.18 17.07 10.18
N PHE B 383 -8.19 16.26 9.85
CA PHE B 383 -7.58 16.32 8.52
C PHE B 383 -8.64 16.05 7.46
N THR B 384 -9.42 14.98 7.67
CA THR B 384 -10.47 14.59 6.73
C THR B 384 -11.49 15.71 6.49
N LEU B 385 -12.07 16.23 7.58
CA LEU B 385 -13.10 17.26 7.50
C LEU B 385 -12.59 18.61 6.98
N VAL B 386 -11.45 19.05 7.49
CA VAL B 386 -10.92 20.39 7.19
C VAL B 386 -10.16 20.46 5.85
N ALA B 387 -9.28 19.48 5.62
CA ALA B 387 -8.33 19.54 4.51
C ALA B 387 -8.66 18.64 3.31
N ALA B 388 -9.22 17.47 3.57
CA ALA B 388 -9.39 16.46 2.51
C ALA B 388 -10.69 16.57 1.71
N GLN B 389 -11.68 17.30 2.23
CA GLN B 389 -12.90 17.57 1.49
C GLN B 389 -12.67 18.62 0.41
N GLN B 390 -13.29 18.42 -0.75
CA GLN B 390 -13.41 19.48 -1.76
C GLN B 390 -14.07 20.68 -1.10
N ASP B 391 -13.66 21.88 -1.52
CA ASP B 391 -14.27 23.12 -1.03
C ASP B 391 -15.77 23.10 -1.25
N PRO B 392 -16.54 23.63 -0.28
CA PRO B 392 -18.01 23.54 -0.32
C PRO B 392 -18.64 24.19 -1.54
N GLY B 393 -19.80 23.66 -1.95
CA GLY B 393 -20.60 24.24 -3.03
C GLY B 393 -20.03 24.04 -4.43
N SER B 394 -19.28 22.95 -4.61
CA SER B 394 -18.63 22.64 -5.89
C SER B 394 -18.89 21.19 -6.30
N THR B 395 -17.91 20.56 -6.94
CA THR B 395 -18.02 19.17 -7.44
C THR B 395 -18.17 18.10 -6.33
N GLY B 396 -17.68 18.42 -5.13
CA GLY B 396 -17.67 17.44 -4.05
C GLY B 396 -16.52 16.46 -4.19
N GLY B 397 -16.51 15.43 -3.33
CA GLY B 397 -15.46 14.43 -3.34
C GLY B 397 -14.34 14.76 -2.38
N LEU B 398 -13.50 13.77 -2.12
CA LEU B 398 -12.36 13.95 -1.22
C LEU B 398 -11.04 13.76 -1.96
N ARG B 399 -9.95 14.33 -1.41
CA ARG B 399 -8.71 14.48 -2.14
C ARG B 399 -7.45 14.15 -1.35
N ASP B 400 -6.35 14.01 -2.08
CA ASP B 400 -5.01 13.86 -1.51
C ASP B 400 -4.68 15.00 -0.52
N LYS B 401 -4.72 16.24 -1.02
CA LYS B 401 -4.46 17.41 -0.19
C LYS B 401 -5.01 18.67 -0.88
N PRO B 402 -5.11 19.80 -0.15
CA PRO B 402 -5.54 21.03 -0.79
C PRO B 402 -4.74 21.29 -2.07
N GLY B 403 -5.42 21.70 -3.13
CA GLY B 403 -4.76 21.97 -4.41
C GLY B 403 -4.77 20.79 -5.36
N LYS B 404 -5.29 19.65 -4.92
CA LYS B 404 -5.40 18.46 -5.78
C LYS B 404 -6.87 18.15 -6.08
N ARG B 405 -7.16 17.86 -7.35
CA ARG B 405 -8.50 17.42 -7.75
C ARG B 405 -8.93 16.22 -6.93
N PRO B 406 -10.18 16.21 -6.44
CA PRO B 406 -10.67 15.00 -5.80
C PRO B 406 -10.82 13.90 -6.83
N ASP B 407 -10.74 12.65 -6.39
CA ASP B 407 -11.08 11.54 -7.26
C ASP B 407 -11.71 10.39 -6.49
N GLN B 408 -12.16 9.37 -7.20
CA GLN B 408 -12.82 8.21 -6.60
C GLN B 408 -11.89 7.49 -5.62
N TYR B 409 -10.64 7.33 -6.01
CA TYR B 409 -9.63 6.66 -5.19
C TYR B 409 -9.43 7.34 -3.84
N HIS B 410 -9.21 8.66 -3.85
CA HIS B 410 -9.00 9.41 -2.62
C HIS B 410 -10.27 9.57 -1.79
N THR B 411 -11.42 9.66 -2.47
CA THR B 411 -12.70 9.70 -1.80
C THR B 411 -12.90 8.44 -0.94
N CYS B 412 -12.69 7.29 -1.56
CA CYS B 412 -12.85 5.99 -0.90
C CYS B 412 -11.86 5.78 0.24
N ASN B 413 -10.60 6.16 0.00
CA ASN B 413 -9.58 5.95 1.02
C ASN B 413 -9.60 6.96 2.16
N ASN B 414 -9.99 8.20 1.87
CA ASN B 414 -10.25 9.17 2.93
C ASN B 414 -11.38 8.69 3.83
N LEU B 415 -12.48 8.25 3.24
CA LEU B 415 -13.63 7.81 4.02
C LEU B 415 -13.31 6.54 4.83
N SER B 416 -12.59 5.60 4.22
CA SER B 416 -12.20 4.38 4.92
C SER B 416 -11.36 4.68 6.16
N GLY B 417 -10.41 5.60 6.00
CA GLY B 417 -9.55 6.04 7.10
C GLY B 417 -10.35 6.74 8.17
N LEU B 418 -11.23 7.66 7.75
CA LEU B 418 -12.11 8.37 8.66
C LEU B 418 -12.95 7.40 9.49
N SER B 419 -13.42 6.33 8.84
CA SER B 419 -14.16 5.27 9.53
C SER B 419 -13.32 4.62 10.63
N ILE B 420 -12.07 4.28 10.31
CA ILE B 420 -11.13 3.71 11.29
C ILE B 420 -10.88 4.63 12.48
N ALA B 421 -10.79 5.94 12.22
CA ALA B 421 -10.56 6.91 13.29
C ALA B 421 -11.81 7.11 14.15
N GLN B 422 -12.98 7.11 13.52
CA GLN B 422 -14.25 7.33 14.21
C GLN B 422 -14.64 6.21 15.18
N HIS B 423 -14.32 4.99 14.80
CA HIS B 423 -14.75 3.82 15.56
C HIS B 423 -13.56 3.07 16.14
N LYS B 424 -13.78 2.38 17.26
CA LYS B 424 -12.71 1.61 17.87
C LYS B 424 -12.90 0.13 17.53
N MET B 425 -12.28 -0.31 16.44
CA MET B 425 -12.37 -1.71 16.01
C MET B 425 -11.29 -2.56 16.66
N SER B 426 -11.71 -3.64 17.29
CA SER B 426 -10.81 -4.58 17.95
C SER B 426 -11.10 -5.98 17.46
N HIS B 427 -10.04 -6.78 17.36
CA HIS B 427 -10.20 -8.20 17.10
C HIS B 427 -10.40 -8.89 18.45
N SER B 428 -11.59 -9.43 18.67
CA SER B 428 -12.03 -9.92 19.98
C SER B 428 -11.89 -11.44 20.13
N PRO B 429 -10.96 -11.89 21.00
CA PRO B 429 -10.77 -13.31 21.25
C PRO B 429 -12.04 -14.03 21.73
N SER B 430 -12.89 -13.35 22.48
CA SER B 430 -14.14 -13.95 22.95
C SER B 430 -15.16 -14.14 21.81
N THR B 431 -15.17 -13.21 20.85
CA THR B 431 -16.02 -13.34 19.67
C THR B 431 -15.53 -14.47 18.77
N VAL B 432 -14.22 -14.58 18.60
CA VAL B 432 -13.63 -15.68 17.85
C VAL B 432 -14.07 -17.01 18.48
N SER B 433 -14.05 -17.07 19.81
CA SER B 433 -14.50 -18.24 20.56
C SER B 433 -15.98 -18.55 20.34
N SER B 434 -16.82 -17.52 20.38
CA SER B 434 -18.24 -17.65 20.10
C SER B 434 -18.48 -18.18 18.68
N ASN B 435 -17.66 -17.69 17.75
CA ASN B 435 -17.73 -18.14 16.37
C ASN B 435 -17.37 -19.62 16.23
N ARG B 436 -16.32 -20.04 16.93
CA ARG B 436 -15.93 -21.45 16.99
C ARG B 436 -17.06 -22.35 17.48
N LEU B 437 -17.77 -21.92 18.52
CA LEU B 437 -18.84 -22.71 19.13
C LEU B 437 -20.09 -22.86 18.25
N LYS B 438 -20.31 -21.90 17.34
CA LYS B 438 -21.47 -21.93 16.47
C LYS B 438 -21.19 -22.53 15.09
N PHE B 439 -19.90 -22.74 14.79
CA PHE B 439 -19.48 -23.26 13.49
C PHE B 439 -20.03 -24.65 13.20
N ASP B 440 -20.52 -24.82 11.98
CA ASP B 440 -21.04 -26.10 11.51
C ASP B 440 -20.15 -26.63 10.40
N ALA B 441 -19.32 -27.62 10.75
CA ALA B 441 -18.35 -28.22 9.82
C ALA B 441 -19.01 -29.16 8.80
N SER B 442 -20.23 -29.60 9.08
CA SER B 442 -20.99 -30.43 8.15
C SER B 442 -21.57 -29.63 6.98
N LYS B 443 -21.52 -28.30 7.10
CA LYS B 443 -21.97 -27.40 6.04
C LYS B 443 -20.76 -26.76 5.36
N GLY B 444 -20.82 -26.66 4.02
CA GLY B 444 -19.72 -26.09 3.25
C GLY B 444 -19.82 -26.40 1.76
N LEU B 445 -19.04 -25.66 0.96
CA LEU B 445 -19.01 -25.89 -0.47
C LEU B 445 -17.96 -26.94 -0.80
N PRO B 446 -18.03 -27.56 -2.00
CA PRO B 446 -17.00 -28.55 -2.34
C PRO B 446 -15.59 -27.99 -2.16
N ALA B 447 -14.71 -28.83 -1.64
CA ALA B 447 -13.31 -28.46 -1.44
C ALA B 447 -12.65 -28.24 -2.80
N VAL B 448 -11.74 -27.28 -2.87
CA VAL B 448 -10.94 -27.11 -4.10
C VAL B 448 -10.01 -28.31 -4.27
N LYS B 449 -9.88 -28.76 -5.51
CA LYS B 449 -8.91 -29.79 -5.84
C LYS B 449 -7.55 -29.11 -6.02
N PRO B 450 -6.54 -29.53 -5.24
CA PRO B 450 -5.21 -28.95 -5.35
C PRO B 450 -4.52 -29.31 -6.67
N VAL B 451 -3.61 -28.44 -7.11
CA VAL B 451 -2.83 -28.65 -8.33
C VAL B 451 -1.84 -29.81 -8.17
N ALA B 452 -1.09 -29.79 -7.06
CA ALA B 452 -0.21 -30.91 -6.70
C ALA B 452 -0.98 -31.92 -5.84
N PRO B 453 -0.76 -33.24 -6.06
CA PRO B 453 -1.49 -34.29 -5.35
C PRO B 453 -1.43 -34.20 -3.81
N GLY B 454 -0.27 -33.83 -3.27
CA GLY B 454 -0.12 -33.68 -1.82
C GLY B 454 -0.28 -32.25 -1.33
N GLY B 455 -0.79 -31.37 -2.20
CA GLY B 455 -0.88 -29.94 -1.90
C GLY B 455 -2.05 -29.53 -1.01
N GLY B 456 -2.98 -30.46 -0.79
CA GLY B 456 -4.15 -30.20 0.03
C GLY B 456 -3.88 -30.41 1.51
N TRP B 457 -4.96 -30.44 2.30
CA TRP B 457 -4.86 -30.73 3.72
C TRP B 457 -4.67 -32.25 3.95
N LYS B 458 -4.04 -32.59 5.08
CA LYS B 458 -3.68 -33.97 5.40
C LYS B 458 -4.90 -34.89 5.44
N ASN B 459 -6.01 -34.37 5.96
CA ASN B 459 -7.27 -35.10 6.05
C ASN B 459 -8.45 -34.15 6.20
N GLU B 460 -9.64 -34.69 6.33
CA GLU B 460 -10.85 -33.88 6.43
C GLU B 460 -10.95 -33.11 7.75
N ASP B 461 -10.49 -33.74 8.84
CA ASP B 461 -10.50 -33.09 10.15
C ASP B 461 -9.67 -31.82 10.15
N GLU B 462 -8.44 -31.91 9.65
CA GLU B 462 -7.54 -30.76 9.59
C GLU B 462 -8.04 -29.65 8.68
N ARG B 463 -8.69 -30.04 7.58
CA ARG B 463 -9.32 -29.08 6.69
C ARG B 463 -10.45 -28.33 7.39
N GLN B 464 -11.30 -29.07 8.09
CA GLN B 464 -12.43 -28.49 8.80
C GLN B 464 -12.01 -27.58 9.94
N ASN B 465 -10.93 -27.95 10.63
CA ASN B 465 -10.36 -27.11 11.68
C ASN B 465 -9.81 -25.81 11.10
N ALA B 466 -9.21 -25.92 9.91
CA ALA B 466 -8.72 -24.74 9.20
C ALA B 466 -9.88 -23.85 8.71
N ARG B 467 -10.91 -24.47 8.14
CA ARG B 467 -12.13 -23.76 7.73
C ARG B 467 -12.69 -22.98 8.90
N ARG B 468 -12.80 -23.65 10.06
CA ARG B 468 -13.30 -23.04 11.27
C ARG B 468 -12.48 -21.82 11.69
N GLU B 469 -11.16 -22.00 11.76
CA GLU B 469 -10.26 -20.92 12.21
C GLU B 469 -10.27 -19.71 11.28
N ILE B 470 -10.25 -19.98 9.98
CA ILE B 470 -10.25 -18.91 8.98
C ILE B 470 -11.54 -18.10 9.05
N TRP B 471 -12.68 -18.80 9.09
CA TRP B 471 -13.99 -18.17 9.20
C TRP B 471 -14.18 -17.45 10.54
N ALA B 472 -13.86 -18.13 11.64
CA ALA B 472 -14.07 -17.56 12.98
C ALA B 472 -13.26 -16.27 13.21
N ASN B 473 -12.02 -16.26 12.74
CA ASN B 473 -11.14 -15.09 12.86
C ASN B 473 -11.51 -13.94 11.93
N ALA B 474 -11.96 -14.28 10.72
CA ALA B 474 -12.42 -13.28 9.77
C ALA B 474 -13.60 -12.47 10.33
N LEU B 475 -14.39 -13.12 11.17
CA LEU B 475 -15.55 -12.50 11.81
C LEU B 475 -15.26 -12.10 13.27
N GLY B 476 -13.98 -11.88 13.58
CA GLY B 476 -13.55 -11.56 14.94
C GLY B 476 -13.53 -10.08 15.27
N TRP B 477 -13.64 -9.22 14.25
CA TRP B 477 -13.58 -7.76 14.48
C TRP B 477 -14.89 -7.21 15.03
N ILE B 478 -14.80 -6.54 16.17
CA ILE B 478 -15.95 -5.91 16.76
C ILE B 478 -15.74 -4.43 17.00
N GLU B 479 -16.86 -3.73 17.11
CA GLU B 479 -16.90 -2.32 17.44
C GLU B 479 -16.91 -2.25 18.96
N GLU B 480 -15.87 -1.66 19.54
CA GLU B 480 -15.78 -1.55 21.00
C GLU B 480 -16.81 -0.59 21.56
N GLU B 481 -17.56 -1.07 22.56
CA GLU B 481 -18.53 -0.25 23.29
C GLU B 481 -17.85 0.95 23.93
N GLY B 482 -18.45 2.13 23.72
CA GLY B 482 -17.91 3.38 24.27
C GLY B 482 -16.64 3.88 23.60
N GLY B 483 -16.20 3.18 22.55
CA GLY B 483 -14.97 3.53 21.84
C GLY B 483 -15.17 4.56 20.74
N GLU B 484 -16.42 4.95 20.50
CA GLU B 484 -16.76 5.87 19.42
C GLU B 484 -16.38 7.32 19.72
N ILE B 485 -15.68 7.95 18.78
CA ILE B 485 -15.41 9.37 18.84
C ILE B 485 -15.75 9.99 17.49
N ILE B 486 -16.80 10.80 17.46
CA ILE B 486 -17.21 11.47 16.22
C ILE B 486 -16.95 12.97 16.33
N VAL B 487 -15.79 13.38 15.80
CA VAL B 487 -15.37 14.78 15.83
C VAL B 487 -16.37 15.63 15.05
N GLY B 488 -16.85 16.69 15.69
CA GLY B 488 -17.78 17.63 15.06
C GLY B 488 -19.25 17.30 15.21
N GLY B 489 -19.55 16.22 15.91
CA GLY B 489 -20.94 15.84 16.17
C GLY B 489 -21.39 14.64 15.36
N LYS B 490 -22.55 14.10 15.72
CA LYS B 490 -22.99 12.81 15.18
C LYS B 490 -23.42 12.85 13.72
N ASP B 491 -23.68 14.04 13.17
CA ASP B 491 -23.96 14.16 11.75
C ASP B 491 -22.74 13.86 10.87
N ASN B 492 -21.55 13.89 11.45
CA ASN B 492 -20.33 13.50 10.74
C ASN B 492 -20.10 11.98 10.70
N ARG B 493 -20.86 11.25 11.50
CA ARG B 493 -20.68 9.79 11.61
C ARG B 493 -20.84 9.09 10.28
N ILE B 494 -19.89 8.23 9.96
CA ILE B 494 -20.06 7.30 8.84
C ILE B 494 -20.02 5.88 9.36
N ASN B 495 -20.33 4.92 8.50
CA ASN B 495 -20.38 3.53 8.94
C ASN B 495 -19.01 2.92 9.22
N THR B 496 -19.03 1.86 10.01
CA THR B 496 -17.82 1.23 10.51
C THR B 496 -17.29 0.22 9.49
N THR B 497 -16.06 0.43 9.00
CA THR B 497 -15.44 -0.50 8.07
C THR B 497 -14.67 -1.56 8.83
N THR B 498 -14.53 -2.75 8.23
CA THR B 498 -13.74 -3.79 8.88
C THR B 498 -12.27 -3.64 8.50
N PRO B 499 -11.37 -3.61 9.52
CA PRO B 499 -9.93 -3.71 9.27
C PRO B 499 -9.60 -4.98 8.48
N VAL B 500 -8.45 -4.98 7.80
CA VAL B 500 -8.01 -6.11 6.96
C VAL B 500 -8.78 -6.21 5.65
N PHE B 501 -10.11 -6.29 5.71
CA PHE B 501 -10.94 -6.46 4.51
C PHE B 501 -11.34 -5.15 3.82
N ASN B 502 -11.58 -4.11 4.62
CA ASN B 502 -12.13 -2.82 4.16
C ASN B 502 -13.48 -2.88 3.47
N ILE B 503 -14.39 -3.68 4.03
CA ILE B 503 -15.82 -3.58 3.73
C ILE B 503 -16.57 -3.54 5.05
N LEU B 504 -17.82 -3.07 5.02
CA LEU B 504 -18.63 -3.01 6.24
C LEU B 504 -18.86 -4.40 6.80
N GLY B 505 -18.86 -4.50 8.13
CA GLY B 505 -19.17 -5.76 8.81
C GLY B 505 -20.45 -6.37 8.28
N LEU B 506 -21.46 -5.52 8.06
CA LEU B 506 -22.78 -5.97 7.62
C LEU B 506 -22.78 -6.53 6.20
N ARG B 507 -21.71 -6.22 5.45
CA ARG B 507 -21.47 -6.82 4.14
C ARG B 507 -20.66 -8.10 4.28
N LEU B 508 -19.61 -8.04 5.09
CA LEU B 508 -18.70 -9.16 5.31
C LEU B 508 -19.39 -10.41 5.84
N LYS B 509 -20.22 -10.23 6.85
CA LYS B 509 -20.84 -11.35 7.57
C LYS B 509 -21.70 -12.25 6.66
N PRO B 510 -22.73 -11.68 5.98
CA PRO B 510 -23.53 -12.58 5.14
C PRO B 510 -22.78 -13.11 3.90
N PHE B 511 -21.76 -12.37 3.45
CA PHE B 511 -20.97 -12.76 2.28
C PHE B 511 -20.11 -14.00 2.58
N ILE B 512 -19.31 -13.91 3.64
CA ILE B 512 -18.48 -15.05 4.03
C ILE B 512 -19.33 -16.23 4.53
N ASN B 513 -20.44 -15.92 5.21
CA ASN B 513 -21.38 -16.95 5.65
C ASN B 513 -21.97 -17.72 4.48
N TYR B 514 -22.15 -17.03 3.35
CA TYR B 514 -22.65 -17.69 2.15
C TYR B 514 -21.66 -18.72 1.63
N PHE B 515 -20.37 -18.36 1.56
CA PHE B 515 -19.37 -19.26 0.98
C PHE B 515 -18.92 -20.38 1.91
N TYR B 516 -19.08 -20.19 3.21
CA TYR B 516 -18.82 -21.26 4.19
C TYR B 516 -20.11 -22.00 4.60
N CYS B 517 -21.26 -21.56 4.06
CA CYS B 517 -22.58 -22.13 4.36
C CYS B 517 -22.96 -22.05 5.83
N GLN B 518 -22.69 -20.91 6.47
CA GLN B 518 -23.00 -20.70 7.88
C GLN B 518 -24.17 -19.73 8.07
N GLU B 519 -24.99 -19.57 7.04
CA GLU B 519 -26.11 -18.61 7.04
C GLU B 519 -27.16 -18.84 8.15
C1 GLC C . -2.69 -16.21 -22.93
C2 GLC C . -3.97 -16.66 -22.26
C3 GLC C . -4.85 -15.52 -21.95
C4 GLC C . -5.42 -14.91 -23.16
C5 GLC C . -4.26 -14.91 -24.14
C6 GLC C . -4.30 -13.69 -25.00
O2 GLC C . -4.29 -17.97 -21.95
O3 GLC C . -4.87 -15.01 -20.60
O4 GLC C . -6.51 -15.62 -23.66
O5 GLC C . -2.96 -14.97 -23.57
O6 GLC C . -4.06 -12.54 -24.27
C1 FRU C . -0.19 -17.97 -22.78
C2 FRU C . -0.75 -17.18 -23.92
C3 FRU C . -0.31 -17.79 -25.22
C4 FRU C . 0.17 -16.67 -26.08
C5 FRU C . -0.02 -15.48 -25.21
C6 FRU C . 0.18 -14.08 -25.72
O1 FRU C . 1.14 -17.65 -22.57
O2 FRU C . -2.17 -17.19 -23.82
O3 FRU C . -1.35 -18.49 -25.81
O4 FRU C . -0.54 -16.56 -27.26
O5 FRU C . -0.29 -15.86 -23.88
O6 FRU C . 0.50 -13.21 -24.68
C1 GLC D . -18.49 15.69 21.06
C2 GLC D . -18.63 17.05 20.43
C3 GLC D . -17.43 17.74 19.87
C4 GLC D . -16.20 16.95 19.61
C5 GLC D . -16.44 15.50 19.96
C6 GLC D . -15.13 14.81 20.11
O2 GLC D . -19.86 17.67 20.45
O3 GLC D . -17.54 19.07 19.48
O4 GLC D . -15.80 17.07 18.27
O5 GLC D . -17.14 15.29 21.17
O6 GLC D . -14.47 15.22 21.25
C1 FRU D . -21.33 14.32 21.13
C2 FRU D . -19.96 13.81 20.81
C3 FRU D . -19.97 12.76 19.75
C4 FRU D . -19.11 11.63 20.20
C5 FRU D . -18.63 12.08 21.53
C6 FRU D . -17.70 11.30 22.43
O1 FRU D . -22.12 13.30 21.62
O2 FRU D . -19.22 14.86 20.21
O3 FRU D . -20.49 12.88 18.46
O4 FRU D . -18.79 10.57 19.34
O5 FRU D . -19.33 13.25 21.95
O6 FRU D . -16.68 12.17 22.79
C1 GLC E . 5.79 22.14 18.14
C2 GLC E . 4.93 21.28 17.24
C3 GLC E . 5.44 20.86 15.87
C4 GLC E . 6.93 20.72 15.96
C5 GLC E . 7.67 21.74 16.79
C6 GLC E . 8.63 22.45 15.91
O2 GLC E . 3.61 21.00 17.55
O3 GLC E . 4.83 19.69 15.47
O4 GLC E . 7.64 19.59 15.56
O5 GLC E . 6.85 22.71 17.39
O6 GLC E . 9.51 23.18 16.68
C1 FRU E . 5.14 22.49 21.03
C2 FRU E . 6.46 22.06 20.46
C3 FRU E . 7.19 21.10 21.39
C4 FRU E . 8.47 21.81 21.63
C5 FRU E . 8.59 22.79 20.54
C6 FRU E . 9.89 23.42 20.08
O1 FRU E . 5.26 22.96 22.33
O2 FRU E . 6.22 21.36 19.25
O3 FRU E . 7.37 19.86 20.84
O4 FRU E . 9.30 21.73 22.77
O5 FRU E . 7.28 23.18 20.19
O6 FRU E . 9.65 24.70 19.58
ZN ZN F . -2.95 9.70 -2.49
OAA 3CX G . -25.30 15.99 19.66
OAB 3CX G . -25.80 14.71 17.68
OAC 3CX G . -25.29 16.26 15.21
OAD 3CX G . -23.57 15.51 18.06
CAE 3CX G . -26.46 21.59 11.06
CAF 3CX G . -27.11 21.52 12.40
CAG 3CX G . -25.01 21.24 11.11
CAH 3CX G . -26.82 20.25 13.13
CAI 3CX G . -24.76 19.94 11.80
CAJ 3CX G . -25.09 18.61 15.17
CAK 3CX G . -25.37 17.29 17.35
NAL 3CX G . -25.10 18.60 13.73
CAM 3CX G . -25.21 17.30 15.86
CAN 3CX G . -25.35 19.92 13.16
SAO 3CX G . -25.00 15.81 18.23
OAA 3CX H . -23.48 17.65 1.29
OAB 3CX H . -23.07 19.89 1.99
OAC 3CX H . -24.68 21.54 0.71
OAD 3CX H . -24.45 18.46 3.30
CAE 3CX H . -30.92 24.92 0.83
CAF 3CX H . -29.94 25.09 -0.30
CAG 3CX H . -30.98 23.51 1.32
CAH 3CX H . -28.60 24.53 0.02
CAI 3CX H . -29.62 22.95 1.63
CAJ 3CX H . -27.00 21.37 0.38
CAK 3CX H . -25.50 19.36 1.06
NAL 3CX H . -27.32 22.69 0.88
CAM 3CX H . -25.66 20.82 0.77
CAN 3CX H . -28.66 23.11 0.49
SAO 3CX H . -24.07 18.83 1.94
OAA 3CX I . -10.30 -19.14 -21.91
OAB 3CX I . -9.38 -17.17 -20.88
OAC 3CX I . -9.84 -16.82 -24.24
OAD 3CX I . -11.49 -18.01 -20.13
CAE 3CX I . -7.60 -10.38 -24.98
CAF 3CX I . -8.52 -11.11 -25.91
CAG 3CX I . -7.96 -10.63 -23.54
CAH 3CX I . -8.59 -12.56 -25.60
CAI 3CX I . -8.07 -12.09 -23.23
CAJ 3CX I . -10.16 -14.70 -23.27
CAK 3CX I . -11.42 -16.81 -22.51
NAL 3CX I . -8.94 -14.23 -23.88
CAM 3CX I . -10.50 -16.15 -23.47
CAN 3CX I . -8.97 -12.80 -24.17
SAO 3CX I . -10.62 -17.83 -21.31
#